data_6LYN
#
_entry.id   6LYN
#
_cell.length_a   84.203
_cell.length_b   88.387
_cell.length_c   94.644
_cell.angle_alpha   90.000
_cell.angle_beta   89.930
_cell.angle_gamma   90.000
#
_symmetry.space_group_name_H-M   'P 1 21 1'
#
loop_
_entity.id
_entity.type
_entity.pdbx_description
1 polymer 'AA98 Fab heavy chain'
2 polymer 'AA98 Fab light chain'
3 polymer 'Cell surface glycoprotein MUC18'
4 non-polymer 'PHOSPHATE ION'
5 non-polymer GLYCEROL
6 non-polymer 'CHLORIDE ION'
7 non-polymer '4-(2-HYDROXYETHYL)-1-PIPERAZINE ETHANESULFONIC ACID'
8 non-polymer 2-acetamido-2-deoxy-beta-D-glucopyranose
9 water water
#
loop_
_entity_poly.entity_id
_entity_poly.type
_entity_poly.pdbx_seq_one_letter_code
_entity_poly.pdbx_strand_id
1 'polypeptide(L)'
;EVQLLESGAELVRPGASVKLSCKTSGYIFTNYWIHWVKQRSGQGLEWIARIYPGTDITYYNEKFKGKATLTVDKSSSSAY
MLLSSLKSEDSSVYFCARSGGYWYFDVWGAGTTVTVSSAKTTAPSVYPLAPVCGDTTGSSVTLGCLVKGYFPEPVTLTWN
SGSLSSGVHTFPAVLNSDLYTLSSLMTVTSSTWPSQSITCNVAHPASSTKVDKKIEP
;
A,H
2 'polypeptide(L)'
;ELVMTQSPASLAVSLGQRATISCRASKSVSISGYSYMHWYQQKPGQPPKLLIYLASNLESGVPARFSGSGSGTDFTLNIH
PVEEEDAATYYCQHSRELPYTFGGGTKLEIKRADAAPTVSIFPPSSEQLTSGGASVVCFLNNFYPKDINVKWKIDGSERQ
NGVLNSWTDQDSKDSTYSMSSTLTLTKDEYERHNSYTCEATHKTSTSPIVKSFNRNEC
;
B,L
3 'polypeptide(L)'
;QELLVNYVSDVRVSPAAPERQEGSSLTLTCEAESSQDLEFQWLREETGQVLERGPVLQLHDLKREAGGGYRCVASVPSIP
GLNRTQLVNVAIFGPPWMAFKERKVWVKENMVLNLSCEASGHPRPTISWNVNGTASEQDQDPQRVLSTLNVLVTPELLET
GVECTASNDLGKNTSILFLELVNL
;
C,D
#
# COMPACT_ATOMS: atom_id res chain seq x y z
N GLU A 1 -30.61 -2.28 -7.36
CA GLU A 1 -29.76 -3.13 -6.54
C GLU A 1 -30.57 -4.24 -5.84
N VAL A 2 -30.03 -5.45 -5.88
CA VAL A 2 -30.68 -6.60 -5.24
C VAL A 2 -30.43 -6.51 -3.74
N GLN A 3 -31.49 -6.69 -2.96
CA GLN A 3 -31.42 -6.53 -1.51
C GLN A 3 -32.12 -7.68 -0.80
N LEU A 4 -31.43 -8.29 0.15
CA LEU A 4 -31.97 -9.31 1.03
C LEU A 4 -31.84 -8.77 2.45
N LEU A 5 -32.98 -8.52 3.10
CA LEU A 5 -33.02 -7.95 4.44
C LEU A 5 -33.63 -8.97 5.39
N GLU A 6 -32.88 -9.34 6.42
CA GLU A 6 -33.32 -10.32 7.40
C GLU A 6 -33.83 -9.64 8.65
N SER A 7 -34.70 -10.36 9.37
CA SER A 7 -35.31 -9.83 10.58
C SER A 7 -34.26 -9.62 11.67
N GLY A 8 -34.71 -9.06 12.80
CA GLY A 8 -33.80 -8.75 13.87
C GLY A 8 -33.39 -9.98 14.68
N ALA A 9 -32.36 -9.78 15.51
CA ALA A 9 -31.87 -10.82 16.38
C ALA A 9 -32.97 -11.31 17.32
N GLU A 10 -32.80 -12.55 17.80
CA GLU A 10 -33.85 -13.23 18.54
C GLU A 10 -33.30 -13.84 19.82
N LEU A 11 -34.14 -13.84 20.85
CA LEU A 11 -33.88 -14.51 22.12
C LEU A 11 -35.03 -15.49 22.34
N VAL A 12 -34.74 -16.78 22.25
CA VAL A 12 -35.75 -17.82 22.31
C VAL A 12 -35.42 -18.76 23.45
N ARG A 13 -36.47 -19.24 24.14
N ARG A 13 -36.47 -19.24 24.14
CA ARG A 13 -36.31 -20.21 25.21
CA ARG A 13 -36.28 -20.20 25.21
C ARG A 13 -36.16 -21.62 24.63
C ARG A 13 -36.15 -21.61 24.62
N PRO A 14 -35.41 -22.49 25.29
CA PRO A 14 -35.22 -23.86 24.77
C PRO A 14 -36.56 -24.59 24.64
N GLY A 15 -36.72 -25.29 23.53
CA GLY A 15 -37.95 -25.97 23.21
C GLY A 15 -38.95 -25.15 22.43
N ALA A 16 -38.87 -23.81 22.52
CA ALA A 16 -39.74 -22.94 21.74
C ALA A 16 -39.23 -22.86 20.31
N SER A 17 -39.96 -22.12 19.48
CA SER A 17 -39.64 -21.97 18.06
C SER A 17 -39.48 -20.50 17.72
N VAL A 18 -39.01 -20.25 16.50
CA VAL A 18 -38.81 -18.89 16.00
C VAL A 18 -38.96 -18.91 14.49
N LYS A 19 -39.50 -17.82 13.94
CA LYS A 19 -39.73 -17.68 12.51
C LYS A 19 -38.91 -16.50 12.01
N LEU A 20 -37.79 -16.80 11.36
CA LEU A 20 -36.95 -15.78 10.76
C LEU A 20 -37.50 -15.38 9.39
N SER A 21 -37.31 -14.10 9.04
CA SER A 21 -37.83 -13.55 7.80
C SER A 21 -36.69 -12.99 6.94
N CYS A 22 -36.95 -12.89 5.65
CA CYS A 22 -35.98 -12.44 4.65
C CYS A 22 -36.76 -11.74 3.56
N LYS A 23 -36.87 -10.41 3.66
CA LYS A 23 -37.63 -9.64 2.68
C LYS A 23 -36.73 -9.23 1.52
N THR A 24 -37.18 -9.54 0.31
CA THR A 24 -36.39 -9.31 -0.90
C THR A 24 -36.90 -8.09 -1.66
N SER A 25 -36.02 -7.51 -2.48
CA SER A 25 -36.36 -6.40 -3.36
C SER A 25 -35.31 -6.32 -4.46
N GLY A 26 -35.67 -5.62 -5.54
CA GLY A 26 -34.74 -5.36 -6.62
C GLY A 26 -34.66 -6.40 -7.72
N TYR A 27 -35.55 -7.41 -7.70
CA TYR A 27 -35.52 -8.46 -8.69
C TYR A 27 -36.85 -9.20 -8.63
N ILE A 28 -37.18 -9.89 -9.72
CA ILE A 28 -38.40 -10.69 -9.79
C ILE A 28 -38.28 -11.83 -8.77
N PHE A 29 -39.09 -11.78 -7.72
CA PHE A 29 -38.92 -12.68 -6.58
C PHE A 29 -39.23 -14.13 -6.95
N THR A 30 -40.13 -14.35 -7.90
CA THR A 30 -40.50 -15.70 -8.31
C THR A 30 -39.53 -16.31 -9.33
N ASN A 31 -38.42 -15.63 -9.66
CA ASN A 31 -37.47 -16.14 -10.64
C ASN A 31 -36.16 -16.62 -10.02
N TYR A 32 -36.03 -16.61 -8.70
CA TYR A 32 -34.78 -16.98 -8.05
C TYR A 32 -35.06 -17.80 -6.80
N TRP A 33 -34.17 -18.73 -6.51
CA TRP A 33 -34.29 -19.57 -5.32
C TRP A 33 -33.72 -18.84 -4.11
N ILE A 34 -34.30 -19.15 -2.94
CA ILE A 34 -33.84 -18.60 -1.66
C ILE A 34 -33.29 -19.75 -0.84
N HIS A 35 -32.06 -19.60 -0.36
CA HIS A 35 -31.40 -20.60 0.47
C HIS A 35 -31.13 -20.01 1.85
N TRP A 36 -31.02 -20.89 2.83
CA TRP A 36 -30.69 -20.51 4.20
C TRP A 36 -29.47 -21.29 4.64
N VAL A 37 -28.48 -20.58 5.21
CA VAL A 37 -27.28 -21.22 5.72
C VAL A 37 -27.13 -20.87 7.19
N LYS A 38 -26.39 -21.72 7.90
CA LYS A 38 -26.14 -21.57 9.32
C LYS A 38 -24.64 -21.41 9.55
N GLN A 39 -24.28 -20.43 10.38
CA GLN A 39 -22.89 -20.20 10.78
C GLN A 39 -22.85 -20.02 12.28
N ARG A 40 -22.18 -20.94 12.97
CA ARG A 40 -22.09 -20.92 14.42
C ARG A 40 -20.75 -20.32 14.86
N SER A 41 -20.82 -19.31 15.73
CA SER A 41 -19.64 -18.70 16.33
C SER A 41 -18.62 -18.28 15.27
N GLY A 42 -19.13 -17.74 14.17
CA GLY A 42 -18.33 -17.04 13.20
C GLY A 42 -17.52 -17.89 12.24
N GLN A 43 -17.51 -19.21 12.39
CA GLN A 43 -16.70 -20.08 11.55
C GLN A 43 -17.54 -21.22 11.02
N GLY A 44 -17.38 -21.51 9.74
CA GLY A 44 -18.08 -22.62 9.11
C GLY A 44 -19.39 -22.19 8.47
N LEU A 45 -19.85 -23.03 7.54
CA LEU A 45 -21.06 -22.73 6.78
C LEU A 45 -21.78 -24.03 6.47
N GLU A 46 -23.01 -24.16 6.97
CA GLU A 46 -23.89 -25.29 6.70
C GLU A 46 -25.07 -24.83 5.88
N TRP A 47 -25.34 -25.53 4.77
CA TRP A 47 -26.52 -25.26 3.96
C TRP A 47 -27.73 -25.98 4.55
N ILE A 48 -28.80 -25.23 4.80
CA ILE A 48 -29.97 -25.76 5.49
C ILE A 48 -31.00 -26.29 4.49
N ALA A 49 -31.51 -25.41 3.63
CA ALA A 49 -32.58 -25.78 2.71
C ALA A 49 -32.73 -24.68 1.66
N ARG A 50 -33.56 -24.98 0.67
CA ARG A 50 -33.87 -24.02 -0.38
C ARG A 50 -35.34 -24.11 -0.74
N ILE A 51 -35.88 -23.02 -1.29
CA ILE A 51 -37.28 -22.93 -1.68
C ILE A 51 -37.34 -22.16 -3.00
N TYR A 52 -38.24 -22.57 -3.89
CA TYR A 52 -38.49 -21.82 -5.10
C TYR A 52 -39.80 -21.06 -4.95
N PRO A 53 -39.78 -19.72 -4.91
CA PRO A 53 -41.02 -18.98 -4.67
C PRO A 53 -42.03 -19.10 -5.79
N GLY A 54 -41.63 -19.49 -7.00
CA GLY A 54 -42.58 -19.60 -8.08
C GLY A 54 -43.54 -20.75 -7.93
N THR A 55 -43.04 -21.90 -7.45
CA THR A 55 -43.83 -23.12 -7.36
C THR A 55 -43.89 -23.68 -5.94
N ASP A 56 -43.36 -22.97 -4.95
CA ASP A 56 -43.45 -23.35 -3.54
C ASP A 56 -42.74 -24.67 -3.25
N ILE A 57 -41.79 -25.07 -4.09
CA ILE A 57 -41.10 -26.36 -3.95
C ILE A 57 -39.87 -26.19 -3.07
N THR A 58 -39.72 -27.07 -2.08
CA THR A 58 -38.65 -27.00 -1.10
C THR A 58 -37.83 -28.28 -1.10
N TYR A 59 -36.52 -28.13 -0.94
CA TYR A 59 -35.60 -29.24 -0.71
C TYR A 59 -34.79 -28.93 0.54
N TYR A 60 -34.73 -29.89 1.46
CA TYR A 60 -34.11 -29.71 2.77
C TYR A 60 -32.85 -30.57 2.89
N ASN A 61 -31.87 -30.05 3.60
CA ASN A 61 -30.76 -30.87 4.09
C ASN A 61 -31.31 -31.84 5.15
N GLU A 62 -30.96 -33.12 5.00
CA GLU A 62 -31.47 -34.13 5.92
C GLU A 62 -31.00 -33.90 7.35
N LYS A 63 -29.93 -33.11 7.54
CA LYS A 63 -29.52 -32.72 8.89
C LYS A 63 -30.59 -31.87 9.57
N PHE A 64 -31.34 -31.08 8.79
CA PHE A 64 -32.24 -30.07 9.34
C PHE A 64 -33.71 -30.42 9.17
N LYS A 65 -34.03 -31.65 8.79
CA LYS A 65 -35.43 -32.04 8.68
C LYS A 65 -36.04 -32.21 10.07
N GLY A 66 -37.19 -31.57 10.28
CA GLY A 66 -37.78 -31.47 11.60
C GLY A 66 -37.34 -30.25 12.39
N LYS A 67 -36.34 -29.51 11.89
CA LYS A 67 -35.87 -28.28 12.52
C LYS A 67 -36.25 -27.04 11.74
N ALA A 68 -36.08 -27.05 10.41
CA ALA A 68 -36.35 -25.91 9.56
C ALA A 68 -37.57 -26.17 8.70
N THR A 69 -38.38 -25.13 8.48
CA THR A 69 -39.54 -25.19 7.60
C THR A 69 -39.54 -23.92 6.76
N LEU A 70 -39.39 -24.07 5.44
CA LEU A 70 -39.28 -22.92 4.55
C LEU A 70 -40.65 -22.53 4.00
N THR A 71 -40.99 -21.26 4.19
CA THR A 71 -42.25 -20.68 3.76
C THR A 71 -41.94 -19.45 2.93
N VAL A 72 -42.85 -19.09 2.03
CA VAL A 72 -42.66 -17.91 1.18
C VAL A 72 -44.00 -17.18 1.04
N ASP A 73 -43.94 -15.85 1.12
CA ASP A 73 -45.11 -14.98 0.96
C ASP A 73 -44.83 -14.07 -0.24
N LYS A 74 -45.37 -14.45 -1.40
CA LYS A 74 -45.17 -13.68 -2.63
C LYS A 74 -45.77 -12.29 -2.54
N SER A 75 -46.73 -12.07 -1.64
CA SER A 75 -47.35 -10.75 -1.51
C SER A 75 -46.31 -9.69 -1.14
N SER A 76 -45.50 -9.97 -0.12
CA SER A 76 -44.46 -9.06 0.33
C SER A 76 -43.09 -9.37 -0.26
N SER A 77 -43.00 -10.37 -1.15
CA SER A 77 -41.73 -10.84 -1.71
C SER A 77 -40.73 -11.18 -0.60
N SER A 78 -41.17 -12.05 0.32
CA SER A 78 -40.38 -12.40 1.48
C SER A 78 -40.35 -13.92 1.66
N ALA A 79 -39.19 -14.45 2.04
CA ALA A 79 -39.04 -15.85 2.40
C ALA A 79 -38.90 -15.98 3.91
N TYR A 80 -39.38 -17.10 4.44
CA TYR A 80 -39.38 -17.33 5.87
C TYR A 80 -38.79 -18.70 6.19
N MET A 81 -38.10 -18.79 7.33
CA MET A 81 -37.63 -20.05 7.87
C MET A 81 -38.12 -20.19 9.30
N LEU A 82 -38.69 -21.37 9.62
CA LEU A 82 -39.21 -21.67 10.94
C LEU A 82 -38.30 -22.70 11.60
N LEU A 83 -37.59 -22.29 12.64
CA LEU A 83 -36.79 -23.19 13.44
C LEU A 83 -37.60 -23.69 14.63
N SER A 84 -37.66 -25.01 14.79
CA SER A 84 -38.55 -25.64 15.76
C SER A 84 -37.76 -26.41 16.81
N SER A 85 -38.29 -26.40 18.04
CA SER A 85 -37.75 -27.18 19.16
C SER A 85 -36.27 -26.85 19.39
N LEU A 86 -36.02 -25.60 19.75
CA LEU A 86 -34.67 -25.07 19.78
C LEU A 86 -33.90 -25.55 21.01
N LYS A 87 -32.62 -25.86 20.80
CA LYS A 87 -31.70 -26.14 21.89
C LYS A 87 -30.43 -25.32 21.67
N SER A 88 -29.47 -25.45 22.60
CA SER A 88 -28.30 -24.58 22.60
C SER A 88 -27.49 -24.71 21.32
N GLU A 89 -27.48 -25.88 20.71
CA GLU A 89 -26.73 -26.09 19.48
C GLU A 89 -27.33 -25.38 18.28
N ASP A 90 -28.47 -24.72 18.44
CA ASP A 90 -29.06 -23.92 17.38
C ASP A 90 -28.66 -22.45 17.45
N SER A 91 -28.13 -21.99 18.59
CA SER A 91 -27.69 -20.62 18.74
C SER A 91 -26.60 -20.29 17.73
N SER A 92 -26.97 -19.62 16.63
CA SER A 92 -26.04 -19.32 15.56
C SER A 92 -26.56 -18.10 14.80
N VAL A 93 -25.84 -17.73 13.75
CA VAL A 93 -26.30 -16.75 12.78
C VAL A 93 -26.84 -17.50 11.57
N TYR A 94 -27.99 -17.05 11.07
CA TYR A 94 -28.65 -17.68 9.93
C TYR A 94 -28.78 -16.66 8.82
N PHE A 95 -28.17 -16.96 7.67
CA PHE A 95 -28.25 -16.12 6.48
C PHE A 95 -29.29 -16.67 5.52
N CYS A 96 -29.94 -15.75 4.79
CA CYS A 96 -30.66 -16.10 3.58
C CYS A 96 -29.85 -15.65 2.36
N ALA A 97 -29.88 -16.45 1.30
CA ALA A 97 -29.11 -16.14 0.10
C ALA A 97 -29.91 -16.48 -1.14
N ARG A 98 -29.67 -15.73 -2.21
CA ARG A 98 -30.34 -15.93 -3.48
C ARG A 98 -29.45 -16.73 -4.43
N SER A 99 -30.09 -17.49 -5.33
CA SER A 99 -29.36 -18.34 -6.25
C SER A 99 -30.20 -18.56 -7.50
N GLY A 100 -29.51 -18.92 -8.59
CA GLY A 100 -30.15 -19.36 -9.81
C GLY A 100 -30.10 -20.86 -9.96
N GLY A 101 -30.30 -21.32 -11.19
CA GLY A 101 -30.34 -22.75 -11.50
C GLY A 101 -29.04 -23.50 -11.30
N TYR A 102 -27.94 -22.80 -11.04
CA TYR A 102 -26.64 -23.43 -10.79
C TYR A 102 -26.29 -23.47 -9.31
N TRP A 103 -27.14 -22.91 -8.45
CA TRP A 103 -27.03 -23.07 -7.00
C TRP A 103 -25.73 -22.49 -6.46
N TYR A 104 -25.34 -21.32 -6.98
CA TYR A 104 -24.33 -20.49 -6.32
C TYR A 104 -24.98 -19.18 -5.90
N PHE A 105 -24.51 -18.64 -4.78
CA PHE A 105 -25.23 -17.61 -4.02
C PHE A 105 -24.63 -16.24 -4.31
N ASP A 106 -25.29 -15.48 -5.19
CA ASP A 106 -24.76 -14.18 -5.60
C ASP A 106 -24.97 -13.11 -4.55
N VAL A 107 -26.09 -13.15 -3.83
CA VAL A 107 -26.44 -12.13 -2.86
C VAL A 107 -26.81 -12.79 -1.53
N TRP A 108 -26.30 -12.24 -0.44
CA TRP A 108 -26.52 -12.76 0.90
C TRP A 108 -27.20 -11.70 1.77
N GLY A 109 -27.97 -12.17 2.74
CA GLY A 109 -28.53 -11.29 3.73
C GLY A 109 -27.52 -10.94 4.81
N ALA A 110 -27.89 -10.00 5.68
CA ALA A 110 -26.94 -9.53 6.68
C ALA A 110 -26.71 -10.57 7.77
N GLY A 111 -27.70 -11.43 8.05
CA GLY A 111 -27.55 -12.42 9.09
C GLY A 111 -28.35 -12.10 10.34
N THR A 112 -29.21 -13.02 10.74
CA THR A 112 -29.99 -12.90 11.96
C THR A 112 -29.34 -13.74 13.06
N THR A 113 -28.95 -13.10 14.15
CA THR A 113 -28.41 -13.81 15.29
C THR A 113 -29.56 -14.38 16.12
N VAL A 114 -29.45 -15.65 16.50
CA VAL A 114 -30.47 -16.33 17.28
C VAL A 114 -29.82 -16.89 18.54
N THR A 115 -30.33 -16.51 19.70
CA THR A 115 -29.80 -16.95 20.98
C THR A 115 -30.85 -17.81 21.67
N VAL A 116 -30.49 -19.06 21.94
CA VAL A 116 -31.36 -20.02 22.60
C VAL A 116 -30.85 -20.16 24.03
N SER A 117 -31.52 -19.50 24.98
CA SER A 117 -31.08 -19.51 26.36
C SER A 117 -32.27 -19.27 27.29
N SER A 118 -32.15 -19.80 28.51
CA SER A 118 -33.14 -19.55 29.54
C SER A 118 -32.92 -18.21 30.24
N ALA A 119 -31.74 -17.61 30.08
CA ALA A 119 -31.43 -16.35 30.74
C ALA A 119 -32.33 -15.22 30.22
N LYS A 120 -32.45 -14.17 31.02
CA LYS A 120 -33.36 -13.08 30.73
C LYS A 120 -32.62 -11.86 30.18
N THR A 121 -33.35 -11.07 29.39
CA THR A 121 -32.78 -9.88 28.79
C THR A 121 -32.38 -8.88 29.87
N THR A 122 -31.17 -8.34 29.75
CA THR A 122 -30.64 -7.38 30.70
C THR A 122 -30.15 -6.15 29.94
N ALA A 123 -30.52 -4.97 30.41
CA ALA A 123 -30.12 -3.74 29.75
C ALA A 123 -28.67 -3.40 30.12
N PRO A 124 -27.88 -2.92 29.16
CA PRO A 124 -26.47 -2.66 29.43
C PRO A 124 -26.26 -1.37 30.22
N SER A 125 -25.09 -1.31 30.86
CA SER A 125 -24.61 -0.11 31.52
C SER A 125 -23.53 0.50 30.65
N VAL A 126 -23.78 1.70 30.12
CA VAL A 126 -22.87 2.37 29.21
C VAL A 126 -22.07 3.40 30.01
N TYR A 127 -20.74 3.24 30.01
CA TYR A 127 -19.88 4.12 30.77
C TYR A 127 -18.92 4.85 29.84
N PRO A 128 -18.80 6.17 29.94
CA PRO A 128 -17.79 6.89 29.16
C PRO A 128 -16.41 6.74 29.77
N LEU A 129 -15.41 6.98 28.92
CA LEU A 129 -14.01 6.78 29.28
C LEU A 129 -13.23 8.01 28.88
N ALA A 130 -12.64 8.70 29.88
CA ALA A 130 -11.91 9.94 29.70
C ALA A 130 -10.42 9.73 29.92
N PRO A 131 -9.57 10.34 29.09
CA PRO A 131 -8.13 10.11 29.20
C PRO A 131 -7.49 11.02 30.24
N VAL A 132 -6.67 10.44 31.11
CA VAL A 132 -5.88 11.21 32.05
C VAL A 132 -4.45 10.66 32.07
N GLY A 138 -0.27 9.80 14.84
CA GLY A 138 0.45 10.98 15.27
C GLY A 138 0.43 11.17 16.78
N SER A 139 0.61 12.42 17.20
CA SER A 139 0.57 12.78 18.62
C SER A 139 -0.84 13.23 18.94
N SER A 140 -1.69 12.26 19.30
CA SER A 140 -3.11 12.56 19.48
C SER A 140 -3.69 11.69 20.59
N VAL A 141 -4.94 11.98 20.91
CA VAL A 141 -5.60 11.45 22.11
C VAL A 141 -6.50 10.27 21.72
N THR A 142 -6.76 9.40 22.70
CA THR A 142 -7.59 8.22 22.53
C THR A 142 -8.68 8.22 23.59
N LEU A 143 -9.93 8.14 23.16
CA LEU A 143 -11.08 8.04 24.07
C LEU A 143 -11.70 6.65 23.95
N GLY A 144 -12.61 6.34 24.88
CA GLY A 144 -13.24 5.04 24.88
C GLY A 144 -14.67 5.08 25.39
N CYS A 145 -15.31 3.91 25.34
CA CYS A 145 -16.70 3.74 25.77
C CYS A 145 -16.91 2.29 26.14
N LEU A 146 -17.38 2.04 27.36
CA LEU A 146 -17.55 0.69 27.89
C LEU A 146 -19.03 0.43 28.13
N VAL A 147 -19.56 -0.60 27.48
CA VAL A 147 -20.90 -1.11 27.76
C VAL A 147 -20.74 -2.43 28.49
N LYS A 148 -21.44 -2.59 29.61
CA LYS A 148 -21.13 -3.65 30.56
C LYS A 148 -22.40 -4.34 31.03
N GLY A 149 -22.34 -5.68 31.08
CA GLY A 149 -23.38 -6.49 31.70
C GLY A 149 -24.73 -6.44 31.02
N TYR A 150 -24.80 -6.93 29.78
CA TYR A 150 -26.05 -6.98 29.05
C TYR A 150 -26.27 -8.39 28.51
N PHE A 151 -27.52 -8.65 28.09
CA PHE A 151 -27.90 -9.91 27.48
C PHE A 151 -29.19 -9.69 26.74
N PRO A 152 -29.35 -10.24 25.53
CA PRO A 152 -28.33 -11.01 24.82
C PRO A 152 -27.61 -10.23 23.73
N GLU A 153 -26.68 -10.88 23.05
N GLU A 153 -26.68 -10.88 23.05
CA GLU A 153 -26.05 -10.30 21.87
CA GLU A 153 -26.06 -10.30 21.86
C GLU A 153 -27.09 -10.11 20.77
C GLU A 153 -27.13 -10.07 20.80
N PRO A 154 -26.99 -9.05 19.96
CA PRO A 154 -25.95 -8.01 19.97
C PRO A 154 -26.39 -6.63 20.39
N VAL A 155 -25.42 -5.72 20.47
CA VAL A 155 -25.66 -4.29 20.61
C VAL A 155 -25.06 -3.60 19.40
N THR A 156 -25.37 -2.31 19.26
CA THR A 156 -24.79 -1.47 18.22
C THR A 156 -24.14 -0.27 18.90
N LEU A 157 -22.88 -0.01 18.54
CA LEU A 157 -22.13 1.12 19.08
C LEU A 157 -21.62 1.96 17.92
N THR A 158 -21.95 3.24 17.93
CA THR A 158 -21.47 4.21 16.96
C THR A 158 -20.97 5.45 17.68
N TRP A 159 -20.35 6.35 16.92
CA TRP A 159 -19.83 7.61 17.44
C TRP A 159 -20.38 8.76 16.63
N ASN A 160 -21.01 9.73 17.32
CA ASN A 160 -21.63 10.89 16.68
C ASN A 160 -22.63 10.46 15.61
N SER A 161 -23.58 9.61 16.01
CA SER A 161 -24.60 9.01 15.16
C SER A 161 -24.03 8.19 14.02
N GLY A 162 -22.77 7.77 14.10
CA GLY A 162 -22.14 7.04 13.02
C GLY A 162 -21.39 7.90 12.01
N SER A 163 -21.34 9.21 12.22
CA SER A 163 -20.72 10.10 11.25
C SER A 163 -19.20 10.11 11.32
N LEU A 164 -18.61 9.61 12.40
CA LEU A 164 -17.16 9.52 12.54
C LEU A 164 -16.79 8.05 12.76
N SER A 165 -16.28 7.40 11.71
CA SER A 165 -15.95 5.99 11.74
C SER A 165 -14.47 5.69 11.53
N SER A 166 -13.65 6.69 11.21
CA SER A 166 -12.23 6.46 10.95
C SER A 166 -11.47 6.46 12.27
N GLY A 167 -10.87 5.32 12.60
CA GLY A 167 -10.15 5.16 13.86
C GLY A 167 -10.85 4.32 14.89
N VAL A 168 -12.02 3.76 14.58
CA VAL A 168 -12.76 2.94 15.52
C VAL A 168 -12.06 1.59 15.71
N HIS A 169 -12.05 1.12 16.95
CA HIS A 169 -11.79 -0.29 17.26
C HIS A 169 -12.89 -0.72 18.22
N THR A 170 -13.95 -1.34 17.68
CA THR A 170 -15.02 -1.91 18.49
C THR A 170 -14.68 -3.38 18.75
N PHE A 171 -14.48 -3.73 20.02
CA PHE A 171 -13.96 -5.06 20.35
C PHE A 171 -15.11 -6.05 20.53
N PRO A 172 -14.89 -7.31 20.16
CA PRO A 172 -15.95 -8.31 20.29
C PRO A 172 -16.44 -8.43 21.73
N ALA A 173 -17.72 -8.78 21.86
CA ALA A 173 -18.31 -9.00 23.17
C ALA A 173 -17.66 -10.21 23.84
N VAL A 174 -17.55 -10.15 25.16
CA VAL A 174 -16.96 -11.20 25.98
C VAL A 174 -18.02 -11.67 26.96
N LEU A 175 -18.36 -12.95 26.90
CA LEU A 175 -19.41 -13.51 27.74
C LEU A 175 -18.85 -13.83 29.13
N ASN A 176 -19.53 -13.34 30.16
CA ASN A 176 -19.11 -13.57 31.54
C ASN A 176 -20.35 -13.65 32.42
N SER A 177 -20.64 -14.85 32.91
CA SER A 177 -21.78 -15.10 33.81
C SER A 177 -23.09 -14.67 33.15
N ASP A 178 -23.31 -15.16 31.93
CA ASP A 178 -24.50 -14.90 31.13
C ASP A 178 -24.73 -13.40 30.91
N LEU A 179 -23.69 -12.59 31.03
CA LEU A 179 -23.77 -11.15 30.79
C LEU A 179 -22.60 -10.73 29.91
N TYR A 180 -22.89 -9.97 28.86
CA TYR A 180 -21.85 -9.59 27.90
C TYR A 180 -21.24 -8.24 28.25
N THR A 181 -20.00 -8.04 27.80
CA THR A 181 -19.29 -6.78 27.98
C THR A 181 -18.57 -6.41 26.69
N LEU A 182 -18.75 -5.17 26.26
CA LEU A 182 -18.17 -4.69 25.01
C LEU A 182 -17.57 -3.31 25.25
N SER A 183 -16.55 -2.98 24.46
CA SER A 183 -15.83 -1.71 24.61
C SER A 183 -15.32 -1.25 23.25
N SER A 184 -15.39 0.05 23.01
CA SER A 184 -14.91 0.64 21.76
C SER A 184 -14.06 1.86 22.07
N LEU A 185 -13.18 2.19 21.13
CA LEU A 185 -12.29 3.33 21.28
C LEU A 185 -12.40 4.26 20.08
N MET A 186 -11.84 5.45 20.25
CA MET A 186 -11.77 6.46 19.20
C MET A 186 -10.50 7.27 19.41
N THR A 187 -9.68 7.38 18.37
CA THR A 187 -8.46 8.17 18.40
C THR A 187 -8.59 9.31 17.39
N VAL A 188 -8.48 10.54 17.86
CA VAL A 188 -8.61 11.73 17.03
C VAL A 188 -7.51 12.71 17.40
N THR A 189 -7.34 13.73 16.55
CA THR A 189 -6.27 14.71 16.72
C THR A 189 -6.33 15.37 18.09
N SER A 190 -5.15 15.73 18.62
CA SER A 190 -5.08 16.51 19.85
C SER A 190 -5.77 17.87 19.70
N SER A 191 -5.82 18.39 18.46
CA SER A 191 -6.39 19.70 18.16
C SER A 191 -7.89 19.79 18.38
N THR A 192 -8.58 18.66 18.53
CA THR A 192 -10.05 18.67 18.49
C THR A 192 -10.70 18.06 19.73
N TRP A 193 -9.96 17.90 20.83
CA TRP A 193 -10.54 17.43 22.07
C TRP A 193 -10.05 18.29 23.23
N PRO A 194 -10.93 18.80 24.08
CA PRO A 194 -12.39 18.64 23.96
C PRO A 194 -13.05 19.74 23.12
N SER A 195 -12.35 20.22 22.11
CA SER A 195 -12.88 21.27 21.23
C SER A 195 -14.18 20.82 20.59
N GLN A 196 -14.10 19.86 19.67
CA GLN A 196 -15.27 19.20 19.13
C GLN A 196 -15.80 18.18 20.12
N SER A 197 -17.12 17.96 20.08
CA SER A 197 -17.81 17.14 21.05
C SER A 197 -18.10 15.76 20.49
N ILE A 198 -17.84 14.73 21.29
CA ILE A 198 -17.85 13.34 20.85
C ILE A 198 -18.80 12.55 21.76
N THR A 199 -19.76 11.85 21.16
CA THR A 199 -20.72 11.04 21.90
C THR A 199 -20.55 9.57 21.55
N CYS A 200 -20.70 8.72 22.56
CA CYS A 200 -20.81 7.29 22.37
C CYS A 200 -22.29 6.91 22.33
N ASN A 201 -22.75 6.40 21.18
CA ASN A 201 -24.14 6.04 20.98
C ASN A 201 -24.27 4.53 21.05
N VAL A 202 -25.11 4.04 21.96
CA VAL A 202 -25.32 2.61 22.18
C VAL A 202 -26.80 2.31 22.03
N ALA A 203 -27.12 1.20 21.37
CA ALA A 203 -28.49 0.75 21.18
C ALA A 203 -28.57 -0.74 21.47
N HIS A 204 -29.34 -1.11 22.49
CA HIS A 204 -29.60 -2.51 22.81
C HIS A 204 -31.07 -2.80 22.54
N PRO A 205 -31.41 -3.35 21.37
CA PRO A 205 -32.84 -3.48 21.03
C PRO A 205 -33.58 -4.47 21.91
N ALA A 206 -32.89 -5.47 22.47
CA ALA A 206 -33.60 -6.51 23.21
C ALA A 206 -34.25 -5.95 24.47
N SER A 207 -33.72 -4.84 25.00
CA SER A 207 -34.26 -4.20 26.18
C SER A 207 -34.86 -2.83 25.89
N SER A 208 -34.82 -2.39 24.61
CA SER A 208 -35.38 -1.10 24.20
C SER A 208 -34.75 0.05 25.00
N THR A 209 -33.42 0.07 25.02
CA THR A 209 -32.67 1.14 25.68
C THR A 209 -31.67 1.72 24.69
N LYS A 210 -31.80 3.01 24.40
CA LYS A 210 -30.84 3.74 23.60
C LYS A 210 -30.15 4.77 24.48
N VAL A 211 -28.84 4.93 24.29
CA VAL A 211 -28.01 5.74 25.17
C VAL A 211 -27.03 6.54 24.32
N ASP A 212 -26.84 7.81 24.71
CA ASP A 212 -25.74 8.61 24.19
C ASP A 212 -25.12 9.36 25.37
N LYS A 213 -23.83 9.14 25.59
CA LYS A 213 -23.12 9.71 26.73
C LYS A 213 -21.92 10.49 26.22
N LYS A 214 -21.86 11.77 26.56
CA LYS A 214 -20.79 12.64 26.09
C LYS A 214 -19.54 12.44 26.94
N ILE A 215 -18.42 12.13 26.30
CA ILE A 215 -17.13 12.20 26.97
C ILE A 215 -16.83 13.67 27.27
N GLU A 216 -16.16 13.91 28.41
CA GLU A 216 -15.65 15.20 28.86
C GLU A 216 -14.63 14.96 29.96
N PRO A 217 -13.53 15.74 30.02
CA PRO A 217 -12.41 15.51 30.93
C PRO A 217 -12.80 15.29 32.39
N GLU B 1 -22.27 -37.40 3.06
CA GLU B 1 -22.71 -36.72 1.85
C GLU B 1 -21.53 -36.46 0.92
N LEU B 2 -21.22 -35.19 0.68
CA LEU B 2 -20.10 -34.80 -0.18
C LEU B 2 -19.26 -33.80 0.58
N VAL B 3 -18.04 -34.19 0.94
CA VAL B 3 -17.20 -33.44 1.86
C VAL B 3 -16.21 -32.58 1.06
N MET B 4 -15.99 -31.36 1.53
CA MET B 4 -15.00 -30.46 0.98
C MET B 4 -13.89 -30.24 2.00
N THR B 5 -12.66 -30.52 1.60
CA THR B 5 -11.50 -30.40 2.47
C THR B 5 -10.65 -29.22 1.98
N GLN B 6 -10.59 -28.16 2.80
CA GLN B 6 -9.80 -26.98 2.49
C GLN B 6 -8.44 -27.06 3.14
N SER B 7 -7.41 -26.65 2.39
CA SER B 7 -6.05 -26.61 2.87
C SER B 7 -5.35 -25.37 2.31
N PRO B 8 -4.61 -24.63 3.16
CA PRO B 8 -4.53 -24.90 4.59
C PRO B 8 -5.67 -24.23 5.37
N ALA B 9 -5.66 -24.38 6.69
CA ALA B 9 -6.68 -23.72 7.51
C ALA B 9 -6.31 -22.26 7.77
N SER B 10 -5.03 -21.99 7.98
CA SER B 10 -4.52 -20.64 8.18
C SER B 10 -3.40 -20.38 7.17
N LEU B 11 -3.30 -19.12 6.74
CA LEU B 11 -2.34 -18.75 5.71
C LEU B 11 -1.83 -17.34 5.98
N ALA B 12 -0.51 -17.21 6.13
CA ALA B 12 0.12 -15.91 6.38
C ALA B 12 1.04 -15.59 5.20
N VAL B 13 0.63 -14.64 4.37
CA VAL B 13 1.41 -14.23 3.21
C VAL B 13 1.68 -12.73 3.31
N SER B 14 2.86 -12.33 2.85
CA SER B 14 3.23 -10.92 2.87
C SER B 14 2.49 -10.17 1.77
N LEU B 15 2.30 -8.87 1.98
CA LEU B 15 1.60 -8.08 0.99
C LEU B 15 2.41 -8.01 -0.30
N GLY B 16 1.77 -8.32 -1.41
CA GLY B 16 2.40 -8.27 -2.72
C GLY B 16 2.74 -9.62 -3.32
N GLN B 17 2.68 -10.69 -2.55
CA GLN B 17 2.93 -12.02 -3.08
C GLN B 17 1.59 -12.74 -3.32
N ARG B 18 1.63 -14.05 -3.49
CA ARG B 18 0.48 -14.82 -3.93
C ARG B 18 -0.03 -15.74 -2.82
N ALA B 19 -1.35 -15.83 -2.71
CA ALA B 19 -2.00 -16.79 -1.81
C ALA B 19 -2.68 -17.86 -2.66
N THR B 20 -2.38 -19.13 -2.36
CA THR B 20 -2.95 -20.27 -3.09
C THR B 20 -3.70 -21.14 -2.10
N ILE B 21 -5.01 -21.19 -2.22
CA ILE B 21 -5.86 -21.98 -1.34
C ILE B 21 -6.42 -23.15 -2.14
N SER B 22 -6.51 -24.31 -1.48
CA SER B 22 -6.89 -25.54 -2.15
C SER B 22 -8.18 -26.07 -1.55
N CYS B 23 -8.89 -26.86 -2.37
CA CYS B 23 -10.18 -27.42 -1.98
C CYS B 23 -10.36 -28.73 -2.73
N ARG B 24 -10.49 -29.83 -2.00
CA ARG B 24 -10.64 -31.15 -2.58
C ARG B 24 -11.95 -31.77 -2.13
N ALA B 25 -12.77 -32.19 -3.10
CA ALA B 25 -14.04 -32.85 -2.83
C ALA B 25 -13.87 -34.36 -2.80
N SER B 26 -14.65 -35.02 -1.94
CA SER B 26 -14.65 -36.48 -1.88
C SER B 26 -15.19 -37.12 -3.16
N LYS B 27 -15.93 -36.39 -3.97
CA LYS B 27 -16.41 -36.89 -5.26
C LYS B 27 -16.30 -35.78 -6.28
N SER B 28 -16.29 -36.17 -7.56
CA SER B 28 -16.18 -35.19 -8.64
C SER B 28 -17.42 -34.30 -8.67
N VAL B 29 -17.20 -32.99 -8.72
CA VAL B 29 -18.29 -32.03 -8.85
C VAL B 29 -18.33 -31.44 -10.25
N SER B 30 -17.59 -32.03 -11.19
CA SER B 30 -17.62 -31.63 -12.59
C SER B 30 -18.44 -32.63 -13.38
N ILE B 31 -19.32 -32.12 -14.24
CA ILE B 31 -20.03 -32.94 -15.22
C ILE B 31 -20.23 -32.11 -16.48
N SER B 32 -20.06 -32.76 -17.63
CA SER B 32 -20.38 -32.23 -18.96
C SER B 32 -19.56 -31.00 -19.34
N GLY B 33 -18.47 -30.70 -18.65
CA GLY B 33 -17.72 -29.50 -18.90
C GLY B 33 -17.97 -28.36 -17.93
N TYR B 34 -18.95 -28.50 -17.03
CA TYR B 34 -19.17 -27.54 -15.96
C TYR B 34 -18.63 -28.12 -14.65
N SER B 35 -17.90 -27.29 -13.90
CA SER B 35 -17.37 -27.66 -12.60
C SER B 35 -18.12 -26.88 -11.53
N TYR B 36 -19.02 -27.55 -10.81
CA TYR B 36 -19.90 -26.89 -9.86
C TYR B 36 -19.20 -26.65 -8.52
N MET B 37 -18.16 -25.82 -8.58
CA MET B 37 -17.42 -25.40 -7.39
C MET B 37 -17.36 -23.89 -7.35
N HIS B 38 -17.59 -23.32 -6.17
CA HIS B 38 -17.69 -21.87 -6.03
C HIS B 38 -16.91 -21.42 -4.80
N TRP B 39 -16.49 -20.15 -4.83
CA TRP B 39 -15.64 -19.60 -3.78
C TRP B 39 -16.29 -18.37 -3.16
N TYR B 40 -16.09 -18.20 -1.86
CA TYR B 40 -16.67 -17.08 -1.12
C TYR B 40 -15.63 -16.45 -0.20
N GLN B 41 -15.81 -15.16 0.05
CA GLN B 41 -14.98 -14.39 0.97
C GLN B 41 -15.84 -13.89 2.11
N GLN B 42 -15.33 -14.02 3.34
CA GLN B 42 -16.07 -13.60 4.53
C GLN B 42 -15.19 -12.76 5.44
N LYS B 43 -15.52 -11.48 5.58
CA LYS B 43 -14.86 -10.57 6.49
C LYS B 43 -15.64 -10.47 7.79
N PRO B 44 -14.98 -10.09 8.89
CA PRO B 44 -15.67 -10.08 10.18
C PRO B 44 -16.88 -9.16 10.19
N GLY B 45 -17.95 -9.61 10.84
CA GLY B 45 -19.21 -8.88 10.91
C GLY B 45 -20.03 -8.90 9.63
N GLN B 46 -19.46 -9.33 8.52
CA GLN B 46 -20.11 -9.31 7.21
C GLN B 46 -20.54 -10.71 6.79
N PRO B 47 -21.53 -10.82 5.90
CA PRO B 47 -21.90 -12.13 5.36
C PRO B 47 -20.87 -12.61 4.37
N PRO B 48 -20.94 -13.88 3.94
CA PRO B 48 -20.07 -14.33 2.86
C PRO B 48 -20.35 -13.55 1.57
N LYS B 49 -19.28 -13.33 0.81
CA LYS B 49 -19.34 -12.60 -0.45
C LYS B 49 -18.83 -13.50 -1.57
N LEU B 50 -19.60 -13.57 -2.66
CA LEU B 50 -19.24 -14.43 -3.78
C LEU B 50 -18.03 -13.87 -4.53
N LEU B 51 -17.02 -14.72 -4.73
CA LEU B 51 -15.84 -14.37 -5.52
C LEU B 51 -15.86 -15.05 -6.88
N ILE B 52 -15.90 -16.39 -6.89
CA ILE B 52 -15.80 -17.19 -8.11
C ILE B 52 -16.98 -18.13 -8.17
N TYR B 53 -17.60 -18.22 -9.35
CA TYR B 53 -18.70 -19.15 -9.59
C TYR B 53 -18.33 -20.11 -10.71
N LEU B 54 -18.72 -21.37 -10.55
CA LEU B 54 -18.38 -22.44 -11.49
C LEU B 54 -16.86 -22.53 -11.69
N ALA B 55 -16.14 -22.61 -10.57
CA ALA B 55 -14.72 -22.95 -10.49
C ALA B 55 -13.78 -21.89 -11.04
N SER B 56 -14.15 -21.22 -12.14
CA SER B 56 -13.20 -20.41 -12.87
C SER B 56 -13.68 -19.01 -13.25
N ASN B 57 -14.94 -18.67 -13.04
CA ASN B 57 -15.52 -17.43 -13.54
C ASN B 57 -15.58 -16.37 -12.46
N LEU B 58 -15.06 -15.18 -12.78
CA LEU B 58 -14.97 -14.07 -11.83
C LEU B 58 -16.30 -13.33 -11.75
N GLU B 59 -16.81 -13.15 -10.55
CA GLU B 59 -18.04 -12.38 -10.36
C GLU B 59 -17.81 -10.91 -10.68
N SER B 60 -18.80 -10.27 -11.28
CA SER B 60 -18.68 -8.86 -11.63
C SER B 60 -18.47 -8.01 -10.38
N GLY B 61 -17.46 -7.15 -10.43
CA GLY B 61 -17.09 -6.33 -9.30
C GLY B 61 -15.94 -6.85 -8.49
N VAL B 62 -15.56 -8.11 -8.67
CA VAL B 62 -14.44 -8.69 -7.94
C VAL B 62 -13.17 -8.40 -8.74
N PRO B 63 -12.16 -7.80 -8.13
CA PRO B 63 -10.95 -7.43 -8.89
C PRO B 63 -10.26 -8.64 -9.48
N ALA B 64 -9.59 -8.41 -10.61
CA ALA B 64 -8.91 -9.47 -11.35
C ALA B 64 -7.80 -10.14 -10.56
N ARG B 65 -7.46 -9.62 -9.37
CA ARG B 65 -6.49 -10.28 -8.53
C ARG B 65 -6.94 -11.67 -8.13
N PHE B 66 -8.25 -11.90 -8.06
CA PHE B 66 -8.80 -13.20 -7.69
C PHE B 66 -9.00 -14.07 -8.93
N SER B 67 -8.65 -15.35 -8.80
CA SER B 67 -8.84 -16.29 -9.89
C SER B 67 -9.04 -17.68 -9.31
N GLY B 68 -9.85 -18.49 -10.00
CA GLY B 68 -10.07 -19.86 -9.61
C GLY B 68 -9.83 -20.79 -10.77
N SER B 69 -9.46 -22.03 -10.44
CA SER B 69 -9.18 -23.04 -11.46
C SER B 69 -9.35 -24.41 -10.83
N GLY B 70 -9.28 -25.43 -11.68
CA GLY B 70 -9.42 -26.81 -11.27
C GLY B 70 -10.58 -27.50 -11.96
N SER B 71 -10.71 -28.79 -11.66
CA SER B 71 -11.74 -29.63 -12.24
C SER B 71 -11.85 -30.91 -11.42
N GLY B 72 -12.92 -31.65 -11.66
CA GLY B 72 -13.17 -32.91 -10.98
C GLY B 72 -13.23 -32.80 -9.48
N THR B 73 -12.10 -33.07 -8.82
CA THR B 73 -12.00 -33.02 -7.38
C THR B 73 -11.10 -31.91 -6.86
N ASP B 74 -10.14 -31.44 -7.65
CA ASP B 74 -9.13 -30.49 -7.18
C ASP B 74 -9.41 -29.10 -7.72
N PHE B 75 -9.49 -28.13 -6.81
CA PHE B 75 -9.74 -26.74 -7.18
C PHE B 75 -8.83 -25.83 -6.38
N THR B 76 -8.48 -24.68 -6.95
CA THR B 76 -7.54 -23.76 -6.31
C THR B 76 -7.99 -22.33 -6.51
N LEU B 77 -8.06 -21.58 -5.41
CA LEU B 77 -8.27 -20.14 -5.46
C LEU B 77 -6.92 -19.45 -5.35
N ASN B 78 -6.64 -18.54 -6.29
CA ASN B 78 -5.40 -17.78 -6.30
C ASN B 78 -5.70 -16.30 -6.10
N ILE B 79 -4.92 -15.67 -5.22
CA ILE B 79 -4.98 -14.23 -4.98
C ILE B 79 -3.58 -13.68 -5.19
N HIS B 80 -3.45 -12.78 -6.18
CA HIS B 80 -2.15 -12.19 -6.49
C HIS B 80 -2.34 -10.87 -7.23
N PRO B 81 -1.79 -9.76 -6.71
CA PRO B 81 -1.02 -9.68 -5.47
C PRO B 81 -1.84 -9.24 -4.25
N VAL B 82 -1.69 -9.96 -3.14
CA VAL B 82 -2.55 -9.74 -1.98
C VAL B 82 -2.45 -8.30 -1.48
N GLU B 83 -3.60 -7.69 -1.24
CA GLU B 83 -3.70 -6.36 -0.64
C GLU B 83 -4.18 -6.49 0.81
N GLU B 84 -4.21 -5.35 1.51
CA GLU B 84 -4.58 -5.34 2.92
C GLU B 84 -6.01 -5.81 3.14
N GLU B 85 -6.93 -5.41 2.26
CA GLU B 85 -8.34 -5.74 2.41
C GLU B 85 -8.64 -7.21 2.18
N ASP B 86 -7.67 -7.99 1.68
CA ASP B 86 -7.90 -9.40 1.43
C ASP B 86 -7.84 -10.25 2.70
N ALA B 87 -7.56 -9.64 3.86
CA ALA B 87 -7.63 -10.35 5.13
C ALA B 87 -9.06 -10.79 5.40
N ALA B 88 -9.33 -12.08 5.26
CA ALA B 88 -10.68 -12.63 5.42
C ALA B 88 -10.57 -14.15 5.48
N THR B 89 -11.73 -14.80 5.61
CA THR B 89 -11.82 -16.25 5.56
C THR B 89 -12.47 -16.66 4.25
N TYR B 90 -11.89 -17.64 3.57
CA TYR B 90 -12.32 -18.03 2.24
C TYR B 90 -12.87 -19.44 2.24
N TYR B 91 -14.01 -19.63 1.60
CA TYR B 91 -14.73 -20.89 1.60
C TYR B 91 -14.99 -21.37 0.17
N CYS B 92 -14.90 -22.67 -0.04
CA CYS B 92 -15.41 -23.28 -1.25
C CYS B 92 -16.76 -23.93 -0.97
N GLN B 93 -17.54 -24.11 -2.03
CA GLN B 93 -18.86 -24.73 -1.93
C GLN B 93 -19.19 -25.36 -3.27
N HIS B 94 -19.87 -26.50 -3.21
CA HIS B 94 -20.25 -27.25 -4.39
C HIS B 94 -21.76 -27.24 -4.56
N SER B 95 -22.21 -27.34 -5.81
CA SER B 95 -23.61 -27.44 -6.19
C SER B 95 -23.80 -28.61 -7.14
N ARG B 96 -23.01 -29.66 -6.96
CA ARG B 96 -23.13 -30.87 -7.78
C ARG B 96 -24.31 -31.72 -7.35
N GLU B 97 -24.39 -32.06 -6.06
CA GLU B 97 -25.51 -32.84 -5.53
C GLU B 97 -26.21 -32.03 -4.46
N LEU B 98 -27.21 -32.66 -3.84
CA LEU B 98 -27.69 -32.19 -2.54
C LEU B 98 -27.35 -33.23 -1.48
N PRO B 99 -27.00 -32.80 -0.25
CA PRO B 99 -26.99 -31.41 0.20
C PRO B 99 -25.74 -30.64 -0.21
N TYR B 100 -25.90 -29.34 -0.41
CA TYR B 100 -24.76 -28.47 -0.63
C TYR B 100 -23.94 -28.40 0.64
N THR B 101 -22.62 -28.51 0.49
CA THR B 101 -21.70 -28.39 1.61
C THR B 101 -20.68 -27.29 1.32
N PHE B 102 -20.00 -26.87 2.37
CA PHE B 102 -18.93 -25.89 2.28
C PHE B 102 -17.63 -26.50 2.77
N GLY B 103 -16.51 -25.89 2.39
CA GLY B 103 -15.25 -26.26 2.97
C GLY B 103 -15.16 -25.82 4.42
N GLY B 104 -14.11 -26.29 5.09
CA GLY B 104 -13.87 -25.86 6.46
C GLY B 104 -13.53 -24.38 6.59
N GLY B 105 -13.03 -23.78 5.52
CA GLY B 105 -12.65 -22.38 5.54
C GLY B 105 -11.15 -22.21 5.70
N THR B 106 -10.64 -21.11 5.16
CA THR B 106 -9.23 -20.74 5.27
C THR B 106 -9.13 -19.26 5.62
N LYS B 107 -8.53 -18.96 6.76
CA LYS B 107 -8.30 -17.58 7.18
C LYS B 107 -6.94 -17.10 6.69
N LEU B 108 -6.93 -15.97 5.99
CA LEU B 108 -5.72 -15.40 5.42
C LEU B 108 -5.22 -14.28 6.33
N GLU B 109 -4.02 -14.43 6.86
CA GLU B 109 -3.35 -13.39 7.63
C GLU B 109 -2.32 -12.71 6.74
N ILE B 110 -2.19 -11.39 6.90
CA ILE B 110 -1.40 -10.57 5.99
C ILE B 110 -0.18 -10.05 6.75
N LYS B 111 1.01 -10.44 6.28
CA LYS B 111 2.24 -10.01 6.92
C LYS B 111 2.53 -8.56 6.60
N ARG B 112 2.93 -7.80 7.61
CA ARG B 112 3.40 -6.43 7.45
C ARG B 112 4.57 -6.21 8.38
N ALA B 113 5.19 -5.04 8.26
CA ALA B 113 6.29 -4.68 9.15
C ALA B 113 5.77 -4.57 10.58
N ASP B 114 6.63 -4.93 11.53
CA ASP B 114 6.24 -4.93 12.92
C ASP B 114 5.87 -3.52 13.38
N ALA B 115 4.87 -3.44 14.26
CA ALA B 115 4.32 -2.18 14.72
C ALA B 115 4.09 -2.24 16.22
N ALA B 116 4.43 -1.16 16.91
CA ALA B 116 4.27 -1.10 18.35
C ALA B 116 2.84 -0.74 18.72
N PRO B 117 2.29 -1.33 19.79
CA PRO B 117 0.91 -1.01 20.17
C PRO B 117 0.80 0.36 20.81
N THR B 118 -0.27 1.08 20.48
CA THR B 118 -0.62 2.32 21.16
C THR B 118 -1.48 1.97 22.36
N VAL B 119 -1.03 2.38 23.56
CA VAL B 119 -1.65 1.97 24.81
C VAL B 119 -2.29 3.18 25.48
N SER B 120 -3.54 3.02 25.90
CA SER B 120 -4.28 4.03 26.65
C SER B 120 -5.00 3.36 27.79
N ILE B 121 -4.95 3.99 28.97
CA ILE B 121 -5.59 3.46 30.18
C ILE B 121 -6.62 4.47 30.65
N PHE B 122 -7.69 3.96 31.27
CA PHE B 122 -8.80 4.80 31.70
C PHE B 122 -9.30 4.35 33.06
N PRO B 123 -9.56 5.28 33.98
CA PRO B 123 -10.07 4.92 35.29
C PRO B 123 -11.55 4.60 35.23
N PRO B 124 -12.08 3.90 36.24
CA PRO B 124 -13.54 3.74 36.33
C PRO B 124 -14.20 5.10 36.57
N SER B 125 -15.13 5.44 35.68
CA SER B 125 -15.78 6.74 35.76
C SER B 125 -16.76 6.79 36.93
N SER B 126 -17.08 8.01 37.36
CA SER B 126 -17.94 8.19 38.52
C SER B 126 -19.35 7.68 38.28
N GLU B 127 -19.79 7.58 37.02
CA GLU B 127 -21.11 7.03 36.73
C GLU B 127 -21.18 5.56 37.07
N GLN B 128 -20.08 4.84 36.90
CA GLN B 128 -19.98 3.46 37.37
C GLN B 128 -19.78 3.41 38.87
N LEU B 129 -19.14 4.42 39.45
CA LEU B 129 -18.91 4.43 40.89
C LEU B 129 -20.20 4.70 41.67
N THR B 130 -21.22 5.26 41.03
CA THR B 130 -22.55 5.35 41.64
C THR B 130 -23.30 4.01 41.57
N SER B 131 -22.59 2.89 41.40
CA SER B 131 -23.18 1.57 41.36
C SER B 131 -22.44 0.55 42.22
N GLY B 132 -21.41 0.95 42.95
CA GLY B 132 -20.65 0.04 43.77
C GLY B 132 -19.64 -0.82 43.05
N GLY B 133 -19.42 -0.59 41.76
CA GLY B 133 -18.43 -1.32 41.01
C GLY B 133 -17.49 -0.37 40.29
N ALA B 134 -16.35 -0.91 39.88
CA ALA B 134 -15.31 -0.12 39.24
C ALA B 134 -14.51 -0.98 38.27
N SER B 135 -14.59 -0.64 36.98
CA SER B 135 -13.83 -1.31 35.94
C SER B 135 -12.78 -0.36 35.38
N VAL B 136 -11.54 -0.84 35.31
CA VAL B 136 -10.45 -0.10 34.67
C VAL B 136 -10.15 -0.77 33.33
N VAL B 137 -10.03 0.03 32.28
CA VAL B 137 -9.91 -0.49 30.93
C VAL B 137 -8.55 -0.09 30.36
N CYS B 138 -8.03 -0.93 29.48
CA CYS B 138 -6.74 -0.70 28.82
C CYS B 138 -6.87 -1.08 27.36
N PHE B 139 -6.62 -0.13 26.47
CA PHE B 139 -6.64 -0.36 25.04
C PHE B 139 -5.22 -0.50 24.52
N LEU B 140 -5.03 -1.44 23.60
CA LEU B 140 -3.72 -1.67 22.98
C LEU B 140 -3.98 -1.84 21.49
N ASN B 141 -3.64 -0.83 20.69
CA ASN B 141 -4.12 -0.72 19.34
C ASN B 141 -2.98 -0.71 18.32
N ASN B 142 -3.29 -1.24 17.14
CA ASN B 142 -2.45 -1.13 15.95
C ASN B 142 -1.04 -1.66 16.19
N PHE B 143 -0.96 -2.96 16.47
CA PHE B 143 0.30 -3.64 16.67
C PHE B 143 0.40 -4.87 15.77
N TYR B 144 1.62 -5.34 15.57
CA TYR B 144 1.87 -6.51 14.76
C TYR B 144 3.16 -7.15 15.27
N PRO B 145 3.22 -8.49 15.37
CA PRO B 145 2.20 -9.46 14.99
C PRO B 145 1.07 -9.63 16.01
N LYS B 146 0.33 -10.73 15.86
CA LYS B 146 -0.87 -10.94 16.68
C LYS B 146 -0.52 -11.11 18.15
N ASP B 147 0.53 -11.87 18.44
CA ASP B 147 0.75 -12.34 19.81
C ASP B 147 1.19 -11.21 20.74
N ILE B 148 0.51 -11.09 21.87
CA ILE B 148 0.81 -10.08 22.87
C ILE B 148 0.32 -10.58 24.23
N ASN B 149 1.02 -10.18 25.28
CA ASN B 149 0.67 -10.48 26.66
C ASN B 149 0.48 -9.18 27.43
N VAL B 150 -0.60 -9.11 28.21
CA VAL B 150 -0.87 -7.95 29.07
C VAL B 150 -1.06 -8.43 30.49
N LYS B 151 -0.75 -7.55 31.45
CA LYS B 151 -0.66 -7.92 32.85
C LYS B 151 -1.01 -6.70 33.69
N TRP B 152 -1.97 -6.88 34.61
CA TRP B 152 -2.43 -5.79 35.47
C TRP B 152 -1.67 -5.80 36.78
N LYS B 153 -1.20 -4.63 37.20
CA LYS B 153 -0.46 -4.47 38.45
C LYS B 153 -1.20 -3.47 39.32
N ILE B 154 -1.60 -3.90 40.51
CA ILE B 154 -2.23 -3.04 41.50
C ILE B 154 -1.21 -2.84 42.63
N ASP B 155 -0.64 -1.64 42.71
CA ASP B 155 0.43 -1.31 43.66
C ASP B 155 1.55 -2.33 43.59
N GLY B 156 2.01 -2.60 42.37
CA GLY B 156 3.08 -3.56 42.15
C GLY B 156 2.66 -5.02 42.18
N SER B 157 1.59 -5.35 42.90
CA SER B 157 1.13 -6.73 42.98
C SER B 157 0.20 -7.03 41.81
N GLU B 158 0.22 -8.29 41.37
CA GLU B 158 -0.48 -8.68 40.15
C GLU B 158 -1.93 -9.03 40.41
N ARG B 159 -2.82 -8.53 39.56
CA ARG B 159 -4.22 -8.94 39.55
C ARG B 159 -4.43 -9.95 38.42
N GLN B 160 -5.04 -11.08 38.75
CA GLN B 160 -5.41 -12.07 37.76
C GLN B 160 -6.90 -12.38 37.71
N ASN B 161 -7.64 -12.13 38.79
CA ASN B 161 -9.08 -12.33 38.78
C ASN B 161 -9.79 -11.06 38.33
N GLY B 162 -10.96 -11.24 37.72
CA GLY B 162 -11.76 -10.11 37.29
C GLY B 162 -11.22 -9.36 36.09
N VAL B 163 -10.48 -10.04 35.20
CA VAL B 163 -9.95 -9.44 33.99
C VAL B 163 -10.59 -10.11 32.79
N LEU B 164 -11.00 -9.30 31.82
CA LEU B 164 -11.62 -9.79 30.59
C LEU B 164 -10.93 -9.13 29.40
N ASN B 165 -10.28 -9.94 28.57
CA ASN B 165 -9.60 -9.46 27.38
C ASN B 165 -10.49 -9.60 26.16
N SER B 166 -10.16 -8.85 25.12
CA SER B 166 -10.88 -8.94 23.86
C SER B 166 -9.94 -8.56 22.73
N TRP B 167 -9.85 -9.43 21.73
CA TRP B 167 -8.99 -9.24 20.58
C TRP B 167 -9.82 -8.98 19.33
N THR B 168 -9.28 -8.16 18.44
CA THR B 168 -9.92 -7.90 17.15
C THR B 168 -9.34 -8.83 16.09
N ASP B 169 -9.98 -8.85 14.94
CA ASP B 169 -9.36 -9.45 13.76
C ASP B 169 -8.46 -8.43 13.09
N GLN B 170 -7.66 -8.92 12.14
CA GLN B 170 -6.73 -8.05 11.43
C GLN B 170 -7.47 -6.94 10.71
N ASP B 171 -7.03 -5.69 10.94
CA ASP B 171 -7.65 -4.55 10.28
C ASP B 171 -7.50 -4.69 8.76
N SER B 172 -8.55 -4.32 8.05
CA SER B 172 -8.57 -4.43 6.59
C SER B 172 -7.79 -3.30 5.90
N LYS B 173 -7.15 -2.42 6.65
CA LYS B 173 -6.47 -1.28 6.04
C LYS B 173 -5.00 -1.16 6.45
N ASP B 174 -4.67 -1.36 7.71
CA ASP B 174 -3.28 -1.32 8.14
C ASP B 174 -2.73 -2.69 8.55
N SER B 175 -3.56 -3.74 8.49
CA SER B 175 -3.12 -5.11 8.76
C SER B 175 -2.50 -5.26 10.15
N THR B 176 -3.03 -4.52 11.11
CA THR B 176 -2.57 -4.58 12.49
C THR B 176 -3.65 -5.22 13.36
N TYR B 177 -3.33 -5.40 14.64
CA TYR B 177 -4.22 -6.01 15.62
C TYR B 177 -4.41 -5.06 16.79
N SER B 178 -5.47 -5.32 17.56
CA SER B 178 -5.80 -4.49 18.72
C SER B 178 -6.37 -5.37 19.82
N MET B 179 -6.28 -4.88 21.05
CA MET B 179 -6.66 -5.65 22.23
C MET B 179 -7.24 -4.71 23.27
N SER B 180 -8.31 -5.15 23.94
CA SER B 180 -8.93 -4.40 25.01
C SER B 180 -9.00 -5.29 26.25
N SER B 181 -8.56 -4.75 27.39
CA SER B 181 -8.56 -5.48 28.65
C SER B 181 -9.27 -4.65 29.70
N THR B 182 -10.29 -5.25 30.33
CA THR B 182 -11.06 -4.60 31.38
C THR B 182 -10.85 -5.35 32.69
N LEU B 183 -10.47 -4.62 33.74
CA LEU B 183 -10.30 -5.18 35.08
C LEU B 183 -11.46 -4.70 35.94
N THR B 184 -12.36 -5.63 36.29
CA THR B 184 -13.57 -5.32 37.04
C THR B 184 -13.37 -5.67 38.50
N LEU B 185 -13.77 -4.77 39.40
CA LEU B 185 -13.62 -4.97 40.83
C LEU B 185 -14.71 -4.22 41.56
N THR B 186 -14.88 -4.57 42.84
CA THR B 186 -15.76 -3.82 43.71
C THR B 186 -15.18 -2.44 43.99
N LYS B 187 -16.06 -1.45 44.14
CA LYS B 187 -15.62 -0.09 44.40
C LYS B 187 -14.76 0.00 45.65
N ASP B 188 -15.20 -0.66 46.73
CA ASP B 188 -14.51 -0.59 48.00
C ASP B 188 -13.02 -0.92 47.84
N GLU B 189 -12.72 -2.05 47.22
CA GLU B 189 -11.32 -2.47 47.09
C GLU B 189 -10.58 -1.64 46.05
N TYR B 190 -11.28 -1.00 45.12
CA TYR B 190 -10.64 -0.02 44.25
C TYR B 190 -10.13 1.17 45.05
N GLU B 191 -10.93 1.62 46.02
CA GLU B 191 -10.57 2.75 46.88
C GLU B 191 -9.60 2.38 47.99
N ARG B 192 -9.13 1.13 48.06
CA ARG B 192 -8.17 0.72 49.08
C ARG B 192 -6.77 0.52 48.53
N HIS B 193 -6.54 0.81 47.25
CA HIS B 193 -5.20 0.77 46.67
C HIS B 193 -5.02 2.01 45.79
N ASN B 194 -3.76 2.33 45.50
CA ASN B 194 -3.45 3.59 44.83
C ASN B 194 -3.05 3.43 43.37
N SER B 195 -2.07 2.59 43.08
CA SER B 195 -1.54 2.46 41.73
C SER B 195 -2.30 1.40 40.93
N TYR B 196 -2.54 1.70 39.66
CA TYR B 196 -3.18 0.76 38.74
C TYR B 196 -2.41 0.76 37.43
N THR B 197 -1.75 -0.35 37.14
CA THR B 197 -0.76 -0.43 36.07
C THR B 197 -1.20 -1.43 35.01
N CYS B 198 -1.10 -1.03 33.74
CA CYS B 198 -1.37 -1.88 32.59
C CYS B 198 -0.05 -2.07 31.85
N GLU B 199 0.51 -3.28 31.91
CA GLU B 199 1.79 -3.56 31.28
C GLU B 199 1.63 -4.67 30.23
N ALA B 200 2.37 -4.55 29.13
CA ALA B 200 2.24 -5.44 27.99
C ALA B 200 3.62 -5.87 27.49
N THR B 201 3.75 -7.17 27.22
CA THR B 201 4.97 -7.74 26.63
C THR B 201 4.69 -8.05 25.17
N HIS B 202 5.36 -7.34 24.28
CA HIS B 202 5.20 -7.53 22.84
C HIS B 202 6.57 -7.60 22.19
N LYS B 203 6.61 -8.17 20.98
CA LYS B 203 7.86 -8.40 20.29
C LYS B 203 8.57 -7.11 19.89
N THR B 204 7.89 -5.95 19.99
CA THR B 204 8.47 -4.73 19.48
C THR B 204 9.53 -4.14 20.41
N SER B 205 9.42 -4.37 21.71
CA SER B 205 10.31 -3.73 22.68
C SER B 205 10.95 -4.76 23.59
N THR B 206 12.24 -4.55 23.89
CA THR B 206 12.91 -5.36 24.90
C THR B 206 12.26 -5.18 26.26
N SER B 207 11.93 -3.94 26.63
CA SER B 207 11.27 -3.63 27.90
C SER B 207 9.76 -3.72 27.75
N PRO B 208 9.07 -4.39 28.67
CA PRO B 208 7.60 -4.44 28.59
C PRO B 208 7.01 -3.04 28.66
N ILE B 209 6.00 -2.81 27.82
CA ILE B 209 5.35 -1.50 27.75
C ILE B 209 4.44 -1.36 28.97
N VAL B 210 4.73 -0.34 29.78
CA VAL B 210 3.99 -0.06 31.02
C VAL B 210 3.31 1.29 30.88
N LYS B 211 2.03 1.36 31.25
CA LYS B 211 1.33 2.63 31.38
C LYS B 211 0.35 2.51 32.54
N SER B 212 0.43 3.46 33.48
CA SER B 212 -0.30 3.36 34.73
C SER B 212 -0.87 4.73 35.09
N PHE B 213 -1.60 4.75 36.20
CA PHE B 213 -2.11 5.97 36.80
C PHE B 213 -2.42 5.65 38.27
N ASN B 214 -2.42 6.69 39.10
CA ASN B 214 -2.61 6.52 40.53
C ASN B 214 -3.93 7.12 40.97
N ARG B 215 -4.66 6.38 41.80
CA ARG B 215 -6.04 6.73 42.13
C ARG B 215 -6.11 7.99 42.99
N ASN B 216 -5.30 8.06 44.05
CA ASN B 216 -5.33 9.22 44.93
CA ASN B 216 -5.33 9.22 44.93
C ASN B 216 -4.91 10.49 44.19
N GLU B 217 -3.97 10.37 43.27
CA GLU B 217 -3.50 11.52 42.51
C GLU B 217 -4.59 11.95 41.53
N CYS B 218 -4.81 13.26 41.46
CA CYS B 218 -5.83 13.79 40.56
C CYS B 218 -5.22 14.79 39.60
N GLN C 1 17.43 -20.23 -26.52
CA GLN C 1 17.48 -19.26 -27.61
C GLN C 1 16.06 -18.78 -27.92
N GLU C 2 15.78 -17.53 -27.56
CA GLU C 2 14.43 -17.02 -27.45
C GLU C 2 13.74 -16.94 -28.82
N LEU C 3 12.42 -17.06 -28.80
CA LEU C 3 11.58 -16.99 -29.98
C LEU C 3 10.36 -16.11 -29.69
N LEU C 4 9.94 -15.34 -30.69
CA LEU C 4 8.72 -14.56 -30.67
C LEU C 4 7.88 -14.99 -31.87
N VAL C 5 6.79 -15.69 -31.59
CA VAL C 5 5.96 -16.30 -32.62
C VAL C 5 4.53 -15.81 -32.50
N ASN C 6 3.79 -15.93 -33.59
CA ASN C 6 2.39 -15.48 -33.62
C ASN C 6 1.51 -16.43 -32.83
N TYR C 7 0.41 -15.89 -32.29
CA TYR C 7 -0.43 -16.66 -31.41
C TYR C 7 -1.76 -15.96 -31.19
N VAL C 8 -2.75 -16.74 -30.78
CA VAL C 8 -3.99 -16.24 -30.19
C VAL C 8 -4.31 -17.12 -28.99
N SER C 9 -4.72 -16.48 -27.89
CA SER C 9 -5.01 -17.21 -26.66
C SER C 9 -6.06 -16.45 -25.87
N ASP C 10 -6.47 -17.04 -24.75
CA ASP C 10 -7.29 -16.36 -23.75
C ASP C 10 -8.64 -15.94 -24.32
N VAL C 11 -9.30 -16.87 -25.02
CA VAL C 11 -10.62 -16.60 -25.58
C VAL C 11 -11.65 -16.73 -24.45
N ARG C 12 -12.20 -15.59 -24.05
CA ARG C 12 -13.15 -15.51 -22.93
C ARG C 12 -14.48 -14.97 -23.42
N VAL C 13 -15.57 -15.56 -22.95
CA VAL C 13 -16.91 -15.08 -23.25
C VAL C 13 -17.48 -14.42 -22.01
N SER C 14 -18.41 -13.49 -22.24
CA SER C 14 -19.04 -12.75 -21.16
C SER C 14 -20.49 -12.45 -21.52
N PRO C 15 -21.46 -12.87 -20.69
CA PRO C 15 -21.23 -13.60 -19.44
C PRO C 15 -20.90 -15.07 -19.66
N ALA C 16 -20.24 -15.70 -18.69
CA ALA C 16 -19.67 -17.02 -18.90
C ALA C 16 -20.72 -18.12 -18.89
N ALA C 17 -21.70 -18.04 -17.99
CA ALA C 17 -22.76 -19.04 -17.88
C ALA C 17 -24.10 -18.32 -17.77
N PRO C 18 -24.62 -17.81 -18.88
CA PRO C 18 -25.82 -16.97 -18.80
C PRO C 18 -27.07 -17.78 -18.49
N GLU C 19 -27.91 -17.21 -17.63
CA GLU C 19 -29.24 -17.72 -17.32
C GLU C 19 -30.23 -16.61 -17.66
N ARG C 20 -31.15 -16.89 -18.57
CA ARG C 20 -32.10 -15.89 -19.03
C ARG C 20 -33.51 -16.45 -19.01
N GLN C 21 -34.46 -15.61 -18.61
CA GLN C 21 -35.86 -15.99 -18.69
C GLN C 21 -36.35 -15.93 -20.13
N GLU C 22 -37.33 -16.76 -20.44
CA GLU C 22 -37.91 -16.78 -21.78
C GLU C 22 -38.48 -15.41 -22.11
N GLY C 23 -38.18 -14.93 -23.32
CA GLY C 23 -38.61 -13.62 -23.76
C GLY C 23 -37.62 -12.50 -23.49
N SER C 24 -36.72 -12.68 -22.53
CA SER C 24 -35.72 -11.67 -22.22
C SER C 24 -34.68 -11.60 -23.34
N SER C 25 -33.65 -10.79 -23.14
CA SER C 25 -32.60 -10.60 -24.12
C SER C 25 -31.24 -10.97 -23.53
N LEU C 26 -30.29 -11.23 -24.41
CA LEU C 26 -28.95 -11.65 -24.01
C LEU C 26 -27.93 -11.06 -24.96
N THR C 27 -26.83 -10.57 -24.40
CA THR C 27 -25.77 -9.94 -25.16
C THR C 27 -24.45 -10.61 -24.78
N LEU C 28 -23.90 -11.39 -25.70
CA LEU C 28 -22.67 -12.14 -25.47
C LEU C 28 -21.50 -11.43 -26.14
N THR C 29 -20.40 -11.30 -25.40
CA THR C 29 -19.20 -10.60 -25.86
C THR C 29 -18.00 -11.54 -25.79
N CYS C 30 -17.20 -11.56 -26.86
CA CYS C 30 -16.03 -12.43 -26.94
C CYS C 30 -14.74 -11.62 -26.81
N GLU C 31 -13.75 -12.24 -26.17
CA GLU C 31 -12.50 -11.56 -25.85
C GLU C 31 -11.34 -12.52 -26.12
N ALA C 32 -10.23 -11.97 -26.63
CA ALA C 32 -9.08 -12.80 -26.93
C ALA C 32 -7.83 -11.94 -26.97
N GLU C 33 -6.73 -12.47 -26.41
CA GLU C 33 -5.43 -11.83 -26.43
C GLU C 33 -4.57 -12.50 -27.50
N SER C 34 -3.94 -11.70 -28.35
CA SER C 34 -3.20 -12.24 -29.47
C SER C 34 -2.16 -11.23 -29.93
N SER C 35 -1.28 -11.69 -30.84
CA SER C 35 -0.14 -10.93 -31.31
C SER C 35 -0.40 -10.20 -32.61
N GLN C 36 -1.65 -9.82 -32.86
CA GLN C 36 -2.03 -9.02 -34.03
C GLN C 36 -3.50 -8.63 -33.87
N ASP C 37 -4.02 -7.96 -34.90
CA ASP C 37 -5.45 -7.69 -34.96
C ASP C 37 -6.23 -8.97 -35.21
N LEU C 38 -7.44 -9.02 -34.67
CA LEU C 38 -8.24 -10.24 -34.70
C LEU C 38 -9.60 -10.00 -35.33
N GLU C 39 -10.13 -11.07 -35.93
CA GLU C 39 -11.52 -11.14 -36.35
C GLU C 39 -12.28 -12.08 -35.44
N PHE C 40 -13.57 -11.83 -35.26
CA PHE C 40 -14.41 -12.64 -34.40
C PHE C 40 -15.66 -13.08 -35.15
N GLN C 41 -16.13 -14.28 -34.84
CA GLN C 41 -17.32 -14.85 -35.44
C GLN C 41 -18.05 -15.70 -34.40
N TRP C 42 -19.34 -15.88 -34.62
CA TRP C 42 -20.21 -16.64 -33.72
C TRP C 42 -20.85 -17.80 -34.47
N LEU C 43 -20.82 -18.98 -33.87
CA LEU C 43 -21.43 -20.18 -34.42
C LEU C 43 -22.52 -20.67 -33.48
N ARG C 44 -23.28 -21.67 -33.96
CA ARG C 44 -24.34 -22.32 -33.21
C ARG C 44 -23.95 -23.80 -33.06
N GLU C 45 -23.20 -24.10 -32.00
CA GLU C 45 -22.48 -25.36 -31.82
C GLU C 45 -23.16 -26.61 -32.39
N GLU C 46 -24.49 -26.68 -32.31
CA GLU C 46 -25.18 -27.85 -32.83
C GLU C 46 -25.30 -27.84 -34.34
N THR C 47 -25.21 -26.68 -34.97
CA THR C 47 -25.21 -26.60 -36.42
C THR C 47 -23.94 -25.88 -36.88
N GLY C 48 -23.65 -26.00 -38.18
CA GLY C 48 -22.55 -25.22 -38.71
C GLY C 48 -22.85 -23.74 -38.83
N GLN C 49 -24.10 -23.34 -38.66
CA GLN C 49 -24.56 -22.01 -39.08
C GLN C 49 -23.79 -20.88 -38.39
N VAL C 50 -23.31 -19.93 -39.18
CA VAL C 50 -22.75 -18.69 -38.66
C VAL C 50 -23.89 -17.74 -38.33
N LEU C 51 -23.75 -16.99 -37.24
CA LEU C 51 -24.81 -16.09 -36.77
C LEU C 51 -24.46 -14.64 -37.04
N GLU C 52 -23.41 -14.11 -36.41
CA GLU C 52 -22.98 -12.74 -36.66
C GLU C 52 -21.49 -12.64 -36.41
N ARG C 53 -20.79 -11.91 -37.29
CA ARG C 53 -19.36 -11.70 -37.16
C ARG C 53 -19.10 -10.51 -36.25
N GLY C 54 -17.89 -10.47 -35.69
CA GLY C 54 -17.54 -9.47 -34.71
C GLY C 54 -17.66 -10.04 -33.30
N PRO C 55 -17.25 -9.25 -32.30
CA PRO C 55 -17.13 -9.80 -30.95
C PRO C 55 -18.44 -9.94 -30.16
N VAL C 56 -19.52 -9.28 -30.57
CA VAL C 56 -20.75 -9.26 -29.78
C VAL C 56 -21.88 -9.93 -30.57
N LEU C 57 -22.67 -10.74 -29.88
CA LEU C 57 -23.83 -11.41 -30.45
C LEU C 57 -25.06 -11.06 -29.62
N GLN C 58 -26.04 -10.41 -30.25
CA GLN C 58 -27.22 -9.91 -29.56
C GLN C 58 -28.40 -10.82 -29.86
N LEU C 59 -28.97 -11.41 -28.81
CA LEU C 59 -30.14 -12.26 -28.94
C LEU C 59 -31.34 -11.59 -28.28
N HIS C 60 -32.52 -11.81 -28.86
CA HIS C 60 -33.75 -11.20 -28.38
C HIS C 60 -34.88 -12.21 -28.38
N ASP C 61 -35.84 -11.99 -27.49
CA ASP C 61 -37.06 -12.80 -27.40
C ASP C 61 -36.73 -14.29 -27.35
N LEU C 62 -35.88 -14.65 -26.40
CA LEU C 62 -35.34 -16.01 -26.36
C LEU C 62 -36.46 -17.02 -26.15
N LYS C 63 -36.62 -17.91 -27.12
CA LYS C 63 -37.42 -19.10 -26.91
C LYS C 63 -36.57 -20.16 -26.22
N ARG C 64 -37.24 -21.23 -25.77
CA ARG C 64 -36.53 -22.34 -25.13
C ARG C 64 -35.50 -22.97 -26.06
N GLU C 65 -35.76 -22.97 -27.37
CA GLU C 65 -34.92 -23.64 -28.35
C GLU C 65 -33.66 -22.86 -28.70
N ALA C 66 -33.44 -21.70 -28.10
CA ALA C 66 -32.23 -20.92 -28.30
C ALA C 66 -31.14 -21.27 -27.29
N GLY C 67 -31.39 -22.21 -26.38
CA GLY C 67 -30.42 -22.55 -25.37
C GLY C 67 -29.37 -23.54 -25.88
N GLY C 68 -28.21 -23.49 -25.23
CA GLY C 68 -27.14 -24.43 -25.55
C GLY C 68 -25.90 -23.81 -26.14
N GLY C 69 -25.36 -24.44 -27.18
CA GLY C 69 -24.05 -24.10 -27.68
C GLY C 69 -24.02 -22.84 -28.52
N TYR C 70 -23.12 -21.93 -28.15
CA TYR C 70 -22.69 -20.82 -28.99
C TYR C 70 -21.18 -20.76 -28.92
N ARG C 71 -20.52 -20.70 -30.07
CA ARG C 71 -19.06 -20.78 -30.13
C ARG C 71 -18.52 -19.51 -30.76
N CYS C 72 -17.63 -18.84 -30.04
CA CYS C 72 -16.91 -17.69 -30.57
C CYS C 72 -15.62 -18.15 -31.24
N VAL C 73 -15.34 -17.61 -32.42
CA VAL C 73 -14.12 -17.92 -33.16
C VAL C 73 -13.31 -16.64 -33.27
N ALA C 74 -12.10 -16.66 -32.70
CA ALA C 74 -11.20 -15.50 -32.69
C ALA C 74 -10.03 -15.79 -33.64
N SER C 75 -10.13 -15.29 -34.86
CA SER C 75 -9.16 -15.55 -35.92
C SER C 75 -8.23 -14.36 -36.14
N VAL C 76 -7.17 -14.62 -36.90
CA VAL C 76 -6.29 -13.58 -37.41
C VAL C 76 -6.48 -13.54 -38.92
N PRO C 77 -6.78 -12.38 -39.51
CA PRO C 77 -6.94 -12.35 -40.99
C PRO C 77 -5.64 -12.64 -41.70
N SER C 78 -4.53 -12.11 -41.21
CA SER C 78 -3.23 -12.20 -41.88
C SER C 78 -2.60 -13.57 -41.80
N ILE C 79 -3.14 -14.50 -40.99
CA ILE C 79 -2.58 -15.84 -40.88
C ILE C 79 -3.69 -16.87 -41.03
N PRO C 80 -3.80 -17.53 -42.19
CA PRO C 80 -4.85 -18.55 -42.35
C PRO C 80 -4.64 -19.72 -41.41
N GLY C 81 -5.71 -20.12 -40.72
CA GLY C 81 -5.68 -21.23 -39.80
C GLY C 81 -5.36 -20.87 -38.36
N LEU C 82 -4.94 -19.63 -38.09
CA LEU C 82 -4.55 -19.21 -36.75
C LEU C 82 -5.78 -18.63 -36.05
N ASN C 83 -6.45 -19.46 -35.28
CA ASN C 83 -7.59 -19.03 -34.48
C ASN C 83 -7.65 -19.86 -33.21
N ARG C 84 -8.69 -19.59 -32.42
CA ARG C 84 -9.00 -20.34 -31.21
C ARG C 84 -10.47 -20.11 -30.91
N THR C 85 -11.13 -21.15 -30.41
CA THR C 85 -12.56 -21.12 -30.17
C THR C 85 -12.85 -21.20 -28.68
N GLN C 86 -14.04 -20.74 -28.31
CA GLN C 86 -14.50 -20.83 -26.94
C GLN C 86 -16.01 -21.00 -26.93
N LEU C 87 -16.48 -22.01 -26.21
CA LEU C 87 -17.89 -22.34 -26.15
C LEU C 87 -18.55 -21.69 -24.94
N VAL C 88 -19.76 -21.18 -25.15
CA VAL C 88 -20.60 -20.68 -24.07
C VAL C 88 -21.93 -21.42 -24.14
N ASN C 89 -22.45 -21.79 -22.97
CA ASN C 89 -23.69 -22.55 -22.87
C ASN C 89 -24.73 -21.68 -22.15
N VAL C 90 -25.77 -21.27 -22.88
CA VAL C 90 -26.82 -20.42 -22.34
C VAL C 90 -27.97 -21.30 -21.86
N ALA C 91 -28.51 -20.96 -20.69
CA ALA C 91 -29.55 -21.74 -20.05
C ALA C 91 -30.83 -20.91 -19.97
N ILE C 92 -31.89 -21.39 -20.59
CA ILE C 92 -33.19 -20.73 -20.54
C ILE C 92 -34.02 -21.40 -19.46
N PHE C 93 -34.68 -20.60 -18.64
CA PHE C 93 -35.56 -21.16 -17.62
C PHE C 93 -36.81 -21.73 -18.27
N GLY C 94 -37.11 -22.99 -17.98
CA GLY C 94 -38.30 -23.63 -18.47
C GLY C 94 -38.52 -25.02 -17.92
N PRO C 95 -39.75 -25.53 -18.08
CA PRO C 95 -40.07 -26.90 -17.62
C PRO C 95 -39.31 -27.94 -18.42
N PRO C 96 -39.32 -29.21 -17.98
CA PRO C 96 -38.58 -30.24 -18.72
C PRO C 96 -39.10 -30.42 -20.13
N TRP C 97 -38.17 -30.80 -21.02
CA TRP C 97 -38.42 -30.95 -22.44
C TRP C 97 -38.01 -32.36 -22.85
N MET C 98 -38.99 -33.19 -23.19
CA MET C 98 -38.72 -34.58 -23.51
C MET C 98 -38.12 -34.71 -24.90
N ALA C 99 -37.06 -35.51 -25.02
CA ALA C 99 -36.46 -35.75 -26.33
C ALA C 99 -37.41 -36.50 -27.25
N PHE C 100 -38.33 -37.29 -26.69
CA PHE C 100 -39.34 -37.95 -27.48
C PHE C 100 -40.60 -38.06 -26.65
N LYS C 101 -41.75 -37.84 -27.28
CA LYS C 101 -43.02 -37.86 -26.57
C LYS C 101 -43.56 -39.28 -26.46
N GLU C 102 -43.65 -39.98 -27.60
CA GLU C 102 -44.13 -41.35 -27.65
C GLU C 102 -43.32 -42.13 -28.67
N ARG C 103 -42.85 -43.32 -28.26
CA ARG C 103 -42.02 -44.15 -29.12
C ARG C 103 -42.27 -45.62 -28.79
N LYS C 104 -41.86 -46.49 -29.71
CA LYS C 104 -42.33 -47.88 -29.77
C LYS C 104 -41.15 -48.84 -29.89
N VAL C 105 -41.25 -49.96 -29.17
CA VAL C 105 -40.18 -50.96 -29.09
C VAL C 105 -40.75 -52.32 -29.47
N TRP C 106 -40.00 -53.05 -30.31
CA TRP C 106 -40.30 -54.45 -30.64
C TRP C 106 -39.46 -55.36 -29.77
N VAL C 107 -40.09 -56.34 -29.13
CA VAL C 107 -39.45 -57.16 -28.10
C VAL C 107 -39.84 -58.62 -28.26
N LYS C 108 -39.11 -59.48 -27.54
CA LYS C 108 -39.46 -60.87 -27.31
C LYS C 108 -39.78 -61.05 -25.83
N GLU C 109 -40.50 -62.13 -25.50
CA GLU C 109 -41.13 -62.24 -24.19
C GLU C 109 -40.19 -62.74 -23.09
N ASN C 110 -39.09 -63.42 -23.41
CA ASN C 110 -38.16 -63.88 -22.39
C ASN C 110 -36.95 -62.96 -22.30
N MET C 111 -37.21 -61.65 -22.24
CA MET C 111 -36.19 -60.65 -22.49
C MET C 111 -36.25 -59.55 -21.44
N VAL C 112 -35.08 -59.00 -21.14
CA VAL C 112 -34.91 -57.83 -20.29
C VAL C 112 -34.33 -56.72 -21.15
N LEU C 113 -34.83 -55.49 -20.98
CA LEU C 113 -34.45 -54.38 -21.84
C LEU C 113 -33.84 -53.25 -21.02
N ASN C 114 -32.85 -52.58 -21.62
CA ASN C 114 -32.30 -51.33 -21.10
C ASN C 114 -33.00 -50.18 -21.83
N LEU C 115 -34.03 -49.62 -21.21
CA LEU C 115 -34.75 -48.49 -21.80
C LEU C 115 -34.10 -47.17 -21.40
N SER C 116 -34.37 -46.13 -22.19
CA SER C 116 -33.72 -44.84 -22.01
C SER C 116 -34.73 -43.71 -22.16
N CYS C 117 -34.36 -42.56 -21.60
CA CYS C 117 -35.23 -41.39 -21.54
C CYS C 117 -34.36 -40.15 -21.44
N GLU C 118 -34.44 -39.27 -22.45
CA GLU C 118 -33.72 -38.01 -22.43
C GLU C 118 -34.68 -36.86 -22.16
N ALA C 119 -34.17 -35.82 -21.50
CA ALA C 119 -34.95 -34.63 -21.20
C ALA C 119 -34.02 -33.44 -21.03
N SER C 120 -34.56 -32.24 -21.25
CA SER C 120 -33.81 -31.01 -21.10
C SER C 120 -34.65 -29.97 -20.37
N GLY C 121 -33.96 -29.07 -19.68
CA GLY C 121 -34.61 -27.99 -18.96
C GLY C 121 -33.70 -27.33 -17.96
N HIS C 122 -34.02 -26.11 -17.54
CA HIS C 122 -33.22 -25.39 -16.57
C HIS C 122 -34.12 -24.96 -15.42
N PRO C 123 -33.86 -25.39 -14.18
CA PRO C 123 -32.73 -26.25 -13.76
C PRO C 123 -32.75 -27.64 -14.38
N ARG C 124 -31.59 -28.31 -14.36
CA ARG C 124 -31.48 -29.61 -14.97
C ARG C 124 -32.51 -30.56 -14.36
N PRO C 125 -33.30 -31.25 -15.17
CA PRO C 125 -34.36 -32.09 -14.63
C PRO C 125 -33.83 -33.42 -14.09
N THR C 126 -34.73 -34.13 -13.41
CA THR C 126 -34.52 -35.50 -13.00
C THR C 126 -35.69 -36.34 -13.51
N ILE C 127 -35.43 -37.63 -13.73
CA ILE C 127 -36.42 -38.52 -14.33
C ILE C 127 -36.71 -39.67 -13.38
N SER C 128 -37.98 -40.06 -13.30
CA SER C 128 -38.42 -41.25 -12.58
C SER C 128 -39.27 -42.10 -13.51
N TRP C 129 -39.37 -43.39 -13.18
CA TRP C 129 -40.12 -44.35 -13.97
C TRP C 129 -41.29 -44.91 -13.19
N ASN C 130 -42.27 -45.44 -13.92
CA ASN C 130 -43.49 -45.97 -13.33
C ASN C 130 -43.40 -47.45 -12.98
N VAL C 131 -42.21 -48.04 -13.00
CA VAL C 131 -42.00 -49.42 -12.60
C VAL C 131 -40.87 -49.48 -11.59
N ASN C 132 -40.94 -50.46 -10.69
CA ASN C 132 -39.92 -50.61 -9.67
C ASN C 132 -38.57 -50.98 -10.30
N GLY C 133 -37.49 -50.50 -9.67
CA GLY C 133 -36.16 -50.75 -10.18
C GLY C 133 -35.26 -49.53 -10.15
N THR C 134 -34.01 -49.73 -9.76
CA THR C 134 -33.08 -48.61 -9.63
C THR C 134 -32.56 -48.20 -11.00
N ALA C 135 -32.78 -46.94 -11.36
CA ALA C 135 -32.34 -46.39 -12.62
C ALA C 135 -31.11 -45.52 -12.40
N SER C 136 -30.23 -45.49 -13.40
CA SER C 136 -28.99 -44.74 -13.34
C SER C 136 -29.11 -43.50 -14.20
N GLU C 137 -28.70 -42.36 -13.65
CA GLU C 137 -28.80 -41.08 -14.32
C GLU C 137 -27.43 -40.65 -14.84
N GLN C 138 -27.34 -40.38 -16.13
CA GLN C 138 -26.13 -39.85 -16.75
C GLN C 138 -26.39 -38.40 -17.14
N ASP C 139 -25.65 -37.48 -16.51
CA ASP C 139 -25.67 -36.09 -16.89
C ASP C 139 -24.65 -35.87 -18.01
N GLN C 140 -25.07 -35.17 -19.06
CA GLN C 140 -24.22 -34.99 -20.23
C GLN C 140 -24.22 -33.59 -20.81
N ASP C 141 -25.12 -32.70 -20.37
CA ASP C 141 -25.26 -31.32 -20.79
C ASP C 141 -25.81 -30.66 -19.54
N PRO C 142 -25.24 -29.52 -19.08
CA PRO C 142 -25.77 -28.87 -17.88
C PRO C 142 -27.29 -28.71 -17.82
N GLN C 143 -27.98 -28.98 -18.92
CA GLN C 143 -29.44 -28.96 -18.94
C GLN C 143 -30.06 -30.28 -19.39
N ARG C 144 -29.25 -31.28 -19.75
CA ARG C 144 -29.78 -32.54 -20.27
C ARG C 144 -29.40 -33.72 -19.38
N VAL C 145 -30.34 -34.63 -19.18
CA VAL C 145 -30.15 -35.85 -18.41
C VAL C 145 -30.70 -37.03 -19.20
N LEU C 146 -30.01 -38.17 -19.09
CA LEU C 146 -30.41 -39.41 -19.76
C LEU C 146 -30.57 -40.50 -18.71
N SER C 147 -31.80 -40.92 -18.46
CA SER C 147 -32.10 -41.94 -17.47
C SER C 147 -32.17 -43.30 -18.13
N THR C 148 -31.65 -44.32 -17.43
CA THR C 148 -31.55 -45.67 -17.97
C THR C 148 -32.11 -46.65 -16.96
N LEU C 149 -33.02 -47.52 -17.40
CA LEU C 149 -33.70 -48.46 -16.53
C LEU C 149 -33.83 -49.82 -17.21
N ASN C 150 -33.53 -50.89 -16.46
CA ASN C 150 -33.65 -52.26 -16.94
C ASN C 150 -34.98 -52.85 -16.49
N VAL C 151 -35.80 -53.27 -17.46
CA VAL C 151 -37.11 -53.87 -17.18
C VAL C 151 -37.17 -55.24 -17.83
N LEU C 152 -37.90 -56.15 -17.19
CA LEU C 152 -38.14 -57.47 -17.74
C LEU C 152 -39.47 -57.45 -18.49
N VAL C 153 -39.48 -58.02 -19.70
CA VAL C 153 -40.69 -58.05 -20.51
C VAL C 153 -41.67 -59.03 -19.86
N THR C 154 -42.74 -58.50 -19.28
CA THR C 154 -43.81 -59.27 -18.66
C THR C 154 -45.12 -58.90 -19.34
N PRO C 155 -46.14 -59.78 -19.26
CA PRO C 155 -47.42 -59.45 -19.90
C PRO C 155 -48.02 -58.13 -19.44
N GLU C 156 -47.95 -57.84 -18.14
CA GLU C 156 -48.50 -56.58 -17.64
C GLU C 156 -47.75 -55.38 -18.21
N LEU C 157 -46.48 -55.54 -18.57
CA LEU C 157 -45.73 -54.43 -19.14
C LEU C 157 -46.09 -54.22 -20.61
N LEU C 158 -46.29 -55.31 -21.35
CA LEU C 158 -46.83 -55.20 -22.71
C LEU C 158 -48.21 -54.55 -22.70
N GLU C 159 -48.97 -54.76 -21.62
CA GLU C 159 -50.29 -54.17 -21.51
C GLU C 159 -50.20 -52.67 -21.26
N THR C 160 -49.50 -52.27 -20.19
CA THR C 160 -49.45 -50.86 -19.80
C THR C 160 -48.45 -50.08 -20.66
N GLY C 161 -47.36 -50.70 -21.06
CA GLY C 161 -46.22 -49.94 -21.49
C GLY C 161 -45.44 -49.42 -20.28
N VAL C 162 -44.56 -48.47 -20.54
CA VAL C 162 -43.74 -47.89 -19.49
C VAL C 162 -43.51 -46.41 -19.79
N GLU C 163 -43.53 -45.58 -18.75
CA GLU C 163 -43.44 -44.15 -18.91
C GLU C 163 -42.40 -43.57 -17.96
N CYS C 164 -41.58 -42.66 -18.47
CA CYS C 164 -40.64 -41.90 -17.66
C CYS C 164 -41.16 -40.49 -17.46
N THR C 165 -41.04 -39.99 -16.23
CA THR C 165 -41.49 -38.65 -15.86
C THR C 165 -40.27 -37.80 -15.50
N ALA C 166 -39.99 -36.81 -16.33
CA ALA C 166 -38.90 -35.87 -16.08
C ALA C 166 -39.46 -34.67 -15.31
N SER C 167 -38.87 -34.38 -14.15
CA SER C 167 -39.34 -33.31 -13.28
C SER C 167 -38.25 -32.29 -13.02
N ASN C 168 -38.67 -31.05 -12.82
CA ASN C 168 -37.80 -29.98 -12.33
C ASN C 168 -38.67 -28.99 -11.56
N ASP C 169 -38.04 -27.96 -11.01
CA ASP C 169 -38.75 -27.02 -10.15
C ASP C 169 -39.77 -26.17 -10.90
N LEU C 170 -39.76 -26.19 -12.22
CA LEU C 170 -40.67 -25.37 -13.01
C LEU C 170 -41.84 -26.16 -13.58
N GLY C 171 -41.86 -27.46 -13.41
CA GLY C 171 -42.92 -28.28 -13.95
C GLY C 171 -42.44 -29.69 -14.22
N LYS C 172 -43.34 -30.49 -14.80
CA LYS C 172 -43.06 -31.87 -15.12
C LYS C 172 -43.49 -32.17 -16.55
N ASN C 173 -42.76 -33.08 -17.20
CA ASN C 173 -43.11 -33.60 -18.51
C ASN C 173 -43.00 -35.11 -18.46
N THR C 174 -43.71 -35.78 -19.35
CA THR C 174 -43.79 -37.23 -19.37
C THR C 174 -43.58 -37.77 -20.77
N SER C 175 -43.24 -39.06 -20.83
CA SER C 175 -42.98 -39.75 -22.09
C SER C 175 -43.23 -41.23 -21.84
N ILE C 176 -43.76 -41.92 -22.85
CA ILE C 176 -44.18 -43.32 -22.70
C ILE C 176 -43.51 -44.16 -23.77
N LEU C 177 -43.19 -45.41 -23.42
CA LEU C 177 -42.62 -46.38 -24.33
C LEU C 177 -43.59 -47.53 -24.49
N PHE C 178 -44.00 -47.80 -25.73
CA PHE C 178 -44.83 -48.96 -26.01
C PHE C 178 -43.96 -50.18 -26.28
N LEU C 179 -44.47 -51.35 -25.89
CA LEU C 179 -43.79 -52.62 -26.11
C LEU C 179 -44.69 -53.52 -26.93
N GLU C 180 -44.19 -53.95 -28.10
CA GLU C 180 -44.88 -54.88 -28.97
C GLU C 180 -43.95 -56.04 -29.30
N LEU C 181 -44.53 -57.12 -29.82
CA LEU C 181 -43.90 -58.44 -29.75
C LEU C 181 -43.60 -59.02 -31.13
N VAL C 182 -43.20 -60.29 -31.11
CA VAL C 182 -42.71 -61.03 -32.26
C VAL C 182 -43.87 -61.38 -33.17
N ASN C 183 -43.97 -60.68 -34.31
CA ASN C 183 -44.88 -61.03 -35.40
C ASN C 183 -46.26 -61.53 -34.96
N GLU D 1 4.75 16.49 11.61
CA GLU D 1 6.08 16.82 12.13
C GLU D 1 6.37 18.29 11.93
N LEU D 2 7.27 18.61 10.99
CA LEU D 2 7.59 19.97 10.63
C LEU D 2 7.68 20.05 9.11
N VAL D 3 6.78 20.81 8.50
CA VAL D 3 6.58 20.77 7.05
C VAL D 3 7.23 21.99 6.42
N MET D 4 8.07 21.73 5.40
CA MET D 4 8.60 22.79 4.56
C MET D 4 7.73 22.93 3.32
N THR D 5 7.41 24.17 2.96
CA THR D 5 6.58 24.46 1.79
C THR D 5 7.40 25.31 0.83
N GLN D 6 7.59 24.81 -0.39
CA GLN D 6 8.44 25.44 -1.37
C GLN D 6 7.61 26.00 -2.52
N SER D 7 7.97 27.20 -2.98
CA SER D 7 7.23 27.87 -4.04
C SER D 7 8.19 28.68 -4.91
N PRO D 8 8.01 28.66 -6.24
CA PRO D 8 7.02 27.83 -6.91
C PRO D 8 7.51 26.41 -7.13
N ALA D 9 6.65 25.54 -7.66
CA ALA D 9 7.10 24.20 -8.02
C ALA D 9 7.90 24.21 -9.31
N SER D 10 7.47 25.01 -10.29
CA SER D 10 8.17 25.18 -11.55
C SER D 10 8.57 26.62 -11.73
N LEU D 11 9.76 26.85 -12.29
CA LEU D 11 10.28 28.20 -12.48
C LEU D 11 11.00 28.25 -13.81
N ALA D 12 10.57 29.15 -14.70
CA ALA D 12 11.17 29.34 -16.01
C ALA D 12 11.77 30.75 -16.07
N VAL D 13 13.09 30.83 -16.15
CA VAL D 13 13.81 32.10 -16.15
C VAL D 13 14.82 32.08 -17.29
N SER D 14 14.97 33.21 -17.95
CA SER D 14 15.93 33.33 -19.05
C SER D 14 17.35 33.38 -18.53
N LEU D 15 18.30 33.06 -19.41
CA LEU D 15 19.71 33.13 -19.06
C LEU D 15 20.12 34.58 -18.81
N GLY D 16 20.71 34.83 -17.64
CA GLY D 16 21.20 36.14 -17.29
C GLY D 16 20.38 36.89 -16.26
N GLN D 17 19.19 36.40 -15.91
CA GLN D 17 18.32 37.06 -14.96
C GLN D 17 18.36 36.30 -13.62
N ARG D 18 17.53 36.73 -12.67
CA ARG D 18 17.53 36.20 -11.31
C ARG D 18 16.46 35.13 -11.14
N ALA D 19 16.81 34.06 -10.45
CA ALA D 19 15.87 33.04 -10.02
C ALA D 19 15.73 33.11 -8.51
N THR D 20 14.50 33.28 -8.03
CA THR D 20 14.21 33.45 -6.60
C THR D 20 13.29 32.33 -6.14
N ILE D 21 13.83 31.39 -5.35
CA ILE D 21 13.08 30.29 -4.78
C ILE D 21 12.90 30.53 -3.30
N SER D 22 11.68 30.30 -2.79
CA SER D 22 11.35 30.53 -1.40
C SER D 22 11.00 29.22 -0.71
N CYS D 23 11.06 29.23 0.62
CA CYS D 23 10.79 28.06 1.43
C CYS D 23 10.27 28.55 2.78
N ARG D 24 9.08 28.11 3.15
CA ARG D 24 8.46 28.53 4.40
C ARG D 24 8.20 27.32 5.28
N ALA D 25 8.66 27.40 6.53
CA ALA D 25 8.47 26.35 7.49
C ALA D 25 7.22 26.60 8.33
N SER D 26 6.53 25.52 8.69
CA SER D 26 5.39 25.60 9.59
C SER D 26 5.79 25.98 11.01
N LYS D 27 7.08 26.08 11.28
CA LYS D 27 7.60 26.32 12.62
C LYS D 27 8.97 26.94 12.48
N SER D 28 9.31 27.85 13.39
CA SER D 28 10.60 28.53 13.31
C SER D 28 11.75 27.55 13.48
N VAL D 29 12.72 27.64 12.56
CA VAL D 29 13.94 26.86 12.64
C VAL D 29 15.13 27.73 13.03
N SER D 30 14.88 28.95 13.49
CA SER D 30 15.93 29.84 13.96
C SER D 30 15.93 29.84 15.49
N ILE D 31 17.09 29.55 16.06
CA ILE D 31 17.30 29.61 17.51
C ILE D 31 18.69 30.16 17.77
N SER D 32 18.77 31.19 18.62
CA SER D 32 20.04 31.76 19.09
C SER D 32 20.83 32.46 17.99
N GLY D 33 20.18 32.87 16.91
CA GLY D 33 20.87 33.46 15.78
C GLY D 33 21.31 32.47 14.74
N TYR D 34 21.14 31.17 14.98
CA TYR D 34 21.38 30.14 13.98
C TYR D 34 20.06 29.75 13.34
N SER D 35 20.01 29.80 12.01
CA SER D 35 18.84 29.38 11.25
C SER D 35 19.15 28.02 10.62
N TYR D 36 18.52 26.97 11.14
CA TYR D 36 18.80 25.61 10.70
C TYR D 36 18.05 25.29 9.40
N MET D 37 18.44 25.99 8.34
CA MET D 37 17.84 25.81 7.03
C MET D 37 18.95 25.70 5.99
N HIS D 38 18.81 24.74 5.07
CA HIS D 38 19.85 24.44 4.11
C HIS D 38 19.23 24.19 2.74
N TRP D 39 20.03 24.40 1.69
CA TRP D 39 19.58 24.29 0.31
C TRP D 39 20.44 23.29 -0.45
N TYR D 40 19.78 22.48 -1.28
CA TYR D 40 20.47 21.45 -2.06
C TYR D 40 20.06 21.58 -3.53
N GLN D 41 20.96 21.14 -4.40
CA GLN D 41 20.72 21.08 -5.83
C GLN D 41 20.85 19.64 -6.31
N GLN D 42 19.95 19.22 -7.19
CA GLN D 42 19.98 17.86 -7.72
C GLN D 42 19.77 17.89 -9.22
N LYS D 43 20.79 17.46 -9.95
CA LYS D 43 20.74 17.28 -11.39
CA LYS D 43 20.73 17.27 -11.39
C LYS D 43 20.21 15.89 -11.72
N PRO D 44 19.69 15.68 -12.94
CA PRO D 44 19.17 14.35 -13.30
C PRO D 44 20.25 13.27 -13.20
N GLY D 45 19.91 12.16 -12.54
CA GLY D 45 20.82 11.06 -12.36
C GLY D 45 21.81 11.21 -11.23
N GLN D 46 21.98 12.41 -10.69
CA GLN D 46 22.95 12.70 -9.65
C GLN D 46 22.26 12.86 -8.30
N PRO D 47 22.97 12.67 -7.20
CA PRO D 47 22.38 12.89 -5.87
C PRO D 47 22.24 14.38 -5.60
N PRO D 48 21.55 14.75 -4.52
CA PRO D 48 21.54 16.16 -4.11
C PRO D 48 22.95 16.64 -3.77
N LYS D 49 23.19 17.91 -4.05
CA LYS D 49 24.47 18.55 -3.83
C LYS D 49 24.25 19.79 -2.96
N LEU D 50 24.99 19.86 -1.85
CA LEU D 50 24.83 20.98 -0.91
C LEU D 50 25.21 22.30 -1.57
N LEU D 51 24.32 23.29 -1.44
CA LEU D 51 24.59 24.65 -1.90
C LEU D 51 24.81 25.59 -0.71
N ILE D 52 23.83 25.68 0.19
CA ILE D 52 23.84 26.61 1.30
C ILE D 52 23.61 25.84 2.58
N TYR D 53 24.38 26.16 3.62
CA TYR D 53 24.18 25.59 4.94
C TYR D 53 23.91 26.70 5.95
N LEU D 54 22.99 26.42 6.87
CA LEU D 54 22.59 27.41 7.89
C LEU D 54 22.10 28.69 7.22
N ALA D 55 21.24 28.53 6.21
CA ALA D 55 20.45 29.61 5.61
C ALA D 55 21.25 30.56 4.73
N SER D 56 22.45 30.97 5.15
CA SER D 56 23.13 32.08 4.49
C SER D 56 24.59 31.82 4.13
N ASN D 57 25.12 30.62 4.36
CA ASN D 57 26.53 30.35 4.18
C ASN D 57 26.75 29.52 2.93
N LEU D 58 27.65 29.98 2.07
CA LEU D 58 27.95 29.28 0.82
C LEU D 58 28.89 28.12 1.09
N GLU D 59 28.59 26.97 0.49
CA GLU D 59 29.47 25.82 0.59
C GLU D 59 30.74 26.07 -0.23
N SER D 60 31.84 25.45 0.20
CA SER D 60 33.09 25.59 -0.54
C SER D 60 32.96 24.94 -1.91
N GLY D 61 33.09 25.74 -2.97
CA GLY D 61 33.15 25.24 -4.33
C GLY D 61 31.99 25.65 -5.21
N VAL D 62 30.86 26.03 -4.64
CA VAL D 62 29.68 26.43 -5.40
C VAL D 62 29.81 27.92 -5.70
N PRO D 63 29.57 28.34 -6.94
CA PRO D 63 29.82 29.74 -7.32
C PRO D 63 29.03 30.74 -6.48
N ALA D 64 29.61 31.93 -6.35
CA ALA D 64 29.02 33.02 -5.57
C ALA D 64 27.71 33.52 -6.13
N ARG D 65 27.31 33.10 -7.34
CA ARG D 65 26.02 33.50 -7.88
C ARG D 65 24.88 32.91 -7.07
N PHE D 66 25.15 31.89 -6.26
CA PHE D 66 24.15 31.31 -5.37
C PHE D 66 24.16 32.04 -4.04
N SER D 67 22.98 32.44 -3.58
CA SER D 67 22.84 33.22 -2.36
C SER D 67 21.67 32.69 -1.55
N GLY D 68 21.83 32.69 -0.22
CA GLY D 68 20.76 32.30 0.66
C GLY D 68 20.51 33.35 1.73
N SER D 69 19.27 33.42 2.18
CA SER D 69 18.87 34.42 3.16
C SER D 69 17.58 33.95 3.82
N GLY D 70 17.17 34.69 4.84
CA GLY D 70 15.97 34.39 5.59
C GLY D 70 16.26 34.22 7.06
N SER D 71 15.21 33.88 7.80
CA SER D 71 15.25 33.66 9.24
C SER D 71 13.85 33.21 9.67
N GLY D 72 13.78 32.66 10.88
CA GLY D 72 12.51 32.23 11.44
C GLY D 72 11.83 31.14 10.65
N THR D 73 10.86 31.53 9.81
CA THR D 73 10.11 30.60 9.00
C THR D 73 10.34 30.75 7.50
N ASP D 74 10.66 31.95 7.03
CA ASP D 74 10.77 32.21 5.60
C ASP D 74 12.24 32.27 5.19
N PHE D 75 12.57 31.59 4.09
CA PHE D 75 13.92 31.54 3.57
C PHE D 75 13.87 31.57 2.05
N THR D 76 14.89 32.16 1.43
CA THR D 76 14.92 32.33 -0.01
C THR D 76 16.27 31.91 -0.57
N LEU D 77 16.25 31.24 -1.71
CA LEU D 77 17.45 30.92 -2.47
C LEU D 77 17.47 31.76 -3.74
N ASN D 78 18.55 32.52 -3.93
CA ASN D 78 18.71 33.37 -5.09
C ASN D 78 19.83 32.85 -5.97
N ILE D 79 19.58 32.81 -7.28
CA ILE D 79 20.58 32.47 -8.28
C ILE D 79 20.64 33.63 -9.26
N HIS D 80 21.81 34.29 -9.33
CA HIS D 80 21.96 35.44 -10.21
C HIS D 80 23.44 35.67 -10.52
N PRO D 81 23.85 35.60 -11.80
CA PRO D 81 22.98 35.34 -12.94
C PRO D 81 22.87 33.85 -13.28
N VAL D 82 21.71 33.44 -13.81
CA VAL D 82 21.46 32.02 -14.07
C VAL D 82 22.18 31.59 -15.34
N GLU D 83 22.95 30.51 -15.23
CA GLU D 83 23.64 29.88 -16.35
C GLU D 83 22.93 28.59 -16.75
N GLU D 84 23.34 28.04 -17.90
CA GLU D 84 22.73 26.83 -18.41
C GLU D 84 22.89 25.67 -17.44
N GLU D 85 24.01 25.61 -16.74
CA GLU D 85 24.28 24.52 -15.81
C GLU D 85 23.35 24.53 -14.60
N ASP D 86 22.54 25.57 -14.41
CA ASP D 86 21.69 25.65 -13.23
C ASP D 86 20.40 24.86 -13.38
N ALA D 87 20.13 24.31 -14.56
CA ALA D 87 18.93 23.50 -14.77
C ALA D 87 18.94 22.28 -13.85
N ALA D 88 18.12 22.31 -12.81
CA ALA D 88 18.08 21.25 -11.81
C ALA D 88 16.83 21.45 -10.97
N THR D 89 16.72 20.65 -9.91
CA THR D 89 15.67 20.79 -8.91
C THR D 89 16.33 21.15 -7.59
N TYR D 90 15.79 22.15 -6.90
CA TYR D 90 16.37 22.66 -5.68
C TYR D 90 15.47 22.34 -4.50
N TYR D 91 16.07 21.92 -3.39
CA TYR D 91 15.34 21.50 -2.21
C TYR D 91 15.83 22.26 -0.99
N CYS D 92 14.90 22.59 -0.09
CA CYS D 92 15.24 23.14 1.22
C CYS D 92 15.04 22.06 2.28
N GLN D 93 15.81 22.17 3.36
CA GLN D 93 15.75 21.18 4.44
C GLN D 93 16.04 21.87 5.76
N HIS D 94 15.36 21.43 6.82
CA HIS D 94 15.58 21.96 8.15
C HIS D 94 16.30 20.93 9.02
N SER D 95 17.00 21.43 10.03
CA SER D 95 17.63 20.59 11.04
C SER D 95 17.29 21.06 12.45
N ARG D 96 16.19 21.79 12.62
CA ARG D 96 15.81 22.29 13.93
C ARG D 96 15.39 21.16 14.87
N GLU D 97 14.63 20.20 14.36
CA GLU D 97 14.13 19.09 15.17
C GLU D 97 14.26 17.79 14.39
N LEU D 98 13.89 16.68 15.06
CA LEU D 98 13.65 15.36 14.49
C LEU D 98 12.15 15.17 14.28
N PRO D 99 11.72 14.69 13.11
CA PRO D 99 12.60 14.32 12.00
C PRO D 99 12.91 15.46 11.04
N TYR D 100 14.08 15.40 10.40
CA TYR D 100 14.40 16.37 9.35
C TYR D 100 13.47 16.14 8.16
N THR D 101 13.03 17.23 7.54
CA THR D 101 12.16 17.16 6.38
C THR D 101 12.68 18.08 5.29
N PHE D 102 12.41 17.67 4.05
CA PHE D 102 12.74 18.46 2.87
C PHE D 102 11.48 19.10 2.31
N GLY D 103 11.67 20.12 1.49
CA GLY D 103 10.57 20.69 0.75
C GLY D 103 10.20 19.83 -0.45
N GLY D 104 9.09 20.19 -1.08
CA GLY D 104 8.67 19.50 -2.28
C GLY D 104 9.60 19.67 -3.47
N GLY D 105 10.48 20.67 -3.43
CA GLY D 105 11.39 20.92 -4.52
C GLY D 105 10.86 21.94 -5.50
N THR D 106 11.80 22.55 -6.22
CA THR D 106 11.52 23.52 -7.28
C THR D 106 12.41 23.20 -8.45
N LYS D 107 11.83 22.72 -9.55
CA LYS D 107 12.59 22.47 -10.75
C LYS D 107 12.72 23.76 -11.55
N LEU D 108 13.96 24.11 -11.88
CA LEU D 108 14.26 25.34 -12.59
C LEU D 108 14.44 25.03 -14.07
N GLU D 109 13.62 25.64 -14.92
CA GLU D 109 13.78 25.54 -16.36
C GLU D 109 14.35 26.85 -16.89
N ILE D 110 15.19 26.74 -17.92
CA ILE D 110 16.00 27.85 -18.39
C ILE D 110 15.54 28.24 -19.79
N LYS D 111 15.18 29.50 -19.97
CA LYS D 111 14.74 30.00 -21.27
C LYS D 111 15.92 30.26 -22.17
N ARG D 112 15.78 29.88 -23.44
CA ARG D 112 16.76 30.16 -24.48
C ARG D 112 16.01 30.43 -25.78
N ALA D 113 16.77 30.81 -26.80
CA ALA D 113 16.18 31.05 -28.12
C ALA D 113 15.59 29.75 -28.67
N ASP D 114 14.53 29.89 -29.46
CA ASP D 114 13.87 28.73 -30.05
C ASP D 114 14.85 27.96 -30.92
N ALA D 115 14.74 26.62 -30.87
CA ALA D 115 15.65 25.75 -31.59
C ALA D 115 14.85 24.63 -32.25
N ALA D 116 15.23 24.28 -33.48
CA ALA D 116 14.59 23.22 -34.25
C ALA D 116 15.19 21.87 -33.87
N PRO D 117 14.37 20.80 -33.89
CA PRO D 117 14.89 19.47 -33.58
C PRO D 117 15.64 18.87 -34.76
N THR D 118 16.73 18.20 -34.45
CA THR D 118 17.46 17.40 -35.43
C THR D 118 16.95 15.96 -35.36
N VAL D 119 16.31 15.52 -36.44
CA VAL D 119 15.53 14.28 -36.45
C VAL D 119 16.25 13.24 -37.30
N SER D 120 16.42 12.05 -36.74
CA SER D 120 16.99 10.92 -37.45
C SER D 120 16.11 9.69 -37.20
N ILE D 121 16.01 8.84 -38.21
CA ILE D 121 15.15 7.66 -38.14
C ILE D 121 15.99 6.42 -38.44
N PHE D 122 15.56 5.28 -37.89
CA PHE D 122 16.32 4.04 -37.98
C PHE D 122 15.41 2.83 -38.14
N PRO D 123 15.68 1.95 -39.11
CA PRO D 123 14.85 0.77 -39.30
C PRO D 123 15.30 -0.36 -38.38
N PRO D 124 14.46 -1.38 -38.19
CA PRO D 124 14.90 -2.56 -37.44
C PRO D 124 15.95 -3.33 -38.24
N SER D 125 17.16 -3.40 -37.70
CA SER D 125 18.21 -4.11 -38.40
C SER D 125 18.10 -5.61 -38.15
N SER D 126 18.73 -6.38 -39.03
CA SER D 126 18.49 -7.83 -39.10
C SER D 126 18.76 -8.56 -37.79
N GLU D 127 19.53 -7.96 -36.87
CA GLU D 127 19.76 -8.62 -35.60
C GLU D 127 18.49 -8.71 -34.77
N GLN D 128 17.55 -7.78 -34.99
CA GLN D 128 16.26 -7.80 -34.33
C GLN D 128 15.25 -8.68 -35.06
N LEU D 129 15.31 -8.70 -36.40
CA LEU D 129 14.47 -9.54 -37.25
C LEU D 129 14.86 -11.01 -37.21
N THR D 130 15.83 -11.36 -36.38
CA THR D 130 16.21 -12.74 -36.13
C THR D 130 15.55 -13.30 -34.88
N SER D 131 14.95 -12.44 -34.06
CA SER D 131 14.27 -12.87 -32.84
C SER D 131 12.76 -12.89 -32.96
N GLY D 132 12.19 -12.19 -33.93
CA GLY D 132 10.75 -12.13 -34.10
C GLY D 132 10.13 -10.75 -34.00
N GLY D 133 10.89 -9.67 -33.80
CA GLY D 133 10.34 -8.35 -33.66
C GLY D 133 10.92 -7.36 -34.66
N ALA D 134 10.34 -6.17 -34.69
CA ALA D 134 10.79 -5.10 -35.57
C ALA D 134 10.41 -3.76 -34.97
N SER D 135 11.41 -2.96 -34.61
CA SER D 135 11.18 -1.67 -33.99
C SER D 135 11.76 -0.56 -34.87
N VAL D 136 11.01 0.54 -34.98
CA VAL D 136 11.44 1.73 -35.70
C VAL D 136 11.67 2.83 -34.67
N VAL D 137 12.85 3.43 -34.70
CA VAL D 137 13.25 4.46 -33.73
C VAL D 137 13.38 5.79 -34.45
N CYS D 138 12.75 6.81 -33.90
CA CYS D 138 12.83 8.19 -34.39
C CYS D 138 13.40 9.06 -33.27
N PHE D 139 14.57 9.63 -33.50
CA PHE D 139 15.19 10.55 -32.55
C PHE D 139 14.89 11.99 -32.93
N LEU D 140 14.71 12.84 -31.92
CA LEU D 140 14.44 14.27 -32.13
C LEU D 140 15.23 15.04 -31.10
N ASN D 141 16.30 15.71 -31.53
CA ASN D 141 17.34 16.17 -30.62
C ASN D 141 17.46 17.68 -30.63
N ASN D 142 17.77 18.23 -29.44
CA ASN D 142 18.21 19.61 -29.28
C ASN D 142 17.21 20.61 -29.84
N PHE D 143 16.02 20.62 -29.24
CA PHE D 143 14.98 21.56 -29.61
C PHE D 143 14.51 22.36 -28.40
N TYR D 144 13.83 23.48 -28.69
CA TYR D 144 13.29 24.34 -27.67
C TYR D 144 12.10 25.03 -28.31
N PRO D 145 10.96 25.16 -27.60
CA PRO D 145 10.75 24.80 -26.20
C PRO D 145 10.45 23.32 -25.96
N LYS D 146 10.01 23.02 -24.74
CA LYS D 146 9.91 21.64 -24.28
C LYS D 146 8.84 20.84 -25.03
N ASP D 147 7.66 21.43 -25.25
CA ASP D 147 6.51 20.66 -25.69
C ASP D 147 6.58 20.37 -27.19
N ILE D 148 6.39 19.09 -27.53
CA ILE D 148 6.42 18.62 -28.91
C ILE D 148 5.62 17.34 -28.95
N ASN D 149 5.14 16.96 -30.14
CA ASN D 149 4.41 15.71 -30.27
C ASN D 149 4.67 15.10 -31.64
N VAL D 150 4.82 13.78 -31.67
CA VAL D 150 5.16 13.05 -32.89
C VAL D 150 4.09 12.02 -33.16
N LYS D 151 3.88 11.72 -34.44
CA LYS D 151 2.93 10.71 -34.89
C LYS D 151 3.61 9.80 -35.90
N TRP D 152 3.32 8.51 -35.80
CA TRP D 152 3.90 7.51 -36.67
C TRP D 152 2.93 7.21 -37.81
N LYS D 153 3.44 7.20 -39.04
CA LYS D 153 2.63 6.96 -40.23
C LYS D 153 3.18 5.75 -40.96
N ILE D 154 2.38 4.69 -41.04
CA ILE D 154 2.73 3.50 -41.80
C ILE D 154 1.95 3.53 -43.11
N ASP D 155 2.65 3.67 -44.22
CA ASP D 155 2.03 3.76 -45.55
C ASP D 155 1.05 4.91 -45.64
N GLY D 156 1.29 5.97 -44.88
CA GLY D 156 0.38 7.09 -44.78
C GLY D 156 -0.67 6.92 -43.71
N SER D 157 -1.04 5.67 -43.40
CA SER D 157 -1.98 5.43 -42.32
C SER D 157 -1.32 5.66 -40.98
N GLU D 158 -2.09 6.16 -40.03
CA GLU D 158 -1.59 6.47 -38.69
C GLU D 158 -1.65 5.23 -37.80
N ARG D 159 -0.52 4.88 -37.21
CA ARG D 159 -0.43 3.80 -36.24
C ARG D 159 -0.17 4.40 -34.86
N GLN D 160 -1.02 4.06 -33.89
CA GLN D 160 -0.94 4.65 -32.56
C GLN D 160 -0.60 3.65 -31.47
N ASN D 161 -0.59 2.36 -31.77
CA ASN D 161 -0.29 1.32 -30.79
C ASN D 161 1.02 0.65 -31.13
N GLY D 162 1.81 0.36 -30.09
CA GLY D 162 3.16 -0.12 -30.25
C GLY D 162 4.22 0.95 -30.22
N VAL D 163 3.90 2.15 -29.75
CA VAL D 163 4.82 3.28 -29.72
C VAL D 163 5.12 3.64 -28.28
N LEU D 164 6.41 3.75 -27.95
CA LEU D 164 6.86 4.17 -26.64
C LEU D 164 7.79 5.36 -26.81
N ASN D 165 7.48 6.46 -26.11
CA ASN D 165 8.26 7.68 -26.20
C ASN D 165 9.06 7.87 -24.92
N SER D 166 10.13 8.66 -25.03
CA SER D 166 10.97 8.97 -23.88
C SER D 166 11.53 10.37 -24.05
N TRP D 167 11.39 11.20 -23.02
CA TRP D 167 11.89 12.56 -23.03
C TRP D 167 13.05 12.69 -22.04
N THR D 168 14.02 13.53 -22.39
CA THR D 168 15.12 13.85 -21.49
C THR D 168 14.79 15.11 -20.71
N ASP D 169 15.54 15.30 -19.61
CA ASP D 169 15.51 16.59 -18.95
C ASP D 169 16.31 17.60 -19.76
N GLN D 170 16.23 18.86 -19.36
CA GLN D 170 16.93 19.92 -20.08
C GLN D 170 18.43 19.69 -20.04
N ASP D 171 19.06 19.70 -21.21
CA ASP D 171 20.51 19.58 -21.29
C ASP D 171 21.18 20.72 -20.53
N SER D 172 22.15 20.38 -19.69
CA SER D 172 22.77 21.35 -18.81
C SER D 172 23.82 22.22 -19.49
N LYS D 173 23.89 22.23 -20.82
CA LYS D 173 24.89 23.07 -21.49
C LYS D 173 24.30 23.91 -22.62
N ASP D 174 23.41 23.34 -23.43
CA ASP D 174 22.71 24.11 -24.45
C ASP D 174 21.23 24.31 -24.14
N SER D 175 20.76 23.79 -23.00
CA SER D 175 19.41 24.09 -22.50
C SER D 175 18.33 23.66 -23.49
N THR D 176 18.57 22.57 -24.20
CA THR D 176 17.61 22.04 -25.16
C THR D 176 16.99 20.75 -24.62
N TYR D 177 16.08 20.18 -25.41
CA TYR D 177 15.43 18.93 -25.08
C TYR D 177 15.60 17.94 -26.21
N SER D 178 15.38 16.67 -25.89
CA SER D 178 15.42 15.61 -26.89
C SER D 178 14.32 14.60 -26.60
N MET D 179 13.98 13.81 -27.62
CA MET D 179 12.89 12.85 -27.51
C MET D 179 13.23 11.62 -28.33
N SER D 180 12.90 10.45 -27.78
CA SER D 180 13.09 9.17 -28.47
C SER D 180 11.76 8.45 -28.53
N SER D 181 11.40 7.97 -29.72
CA SER D 181 10.15 7.26 -29.95
C SER D 181 10.45 5.96 -30.68
N THR D 182 10.02 4.84 -30.10
CA THR D 182 10.21 3.52 -30.68
C THR D 182 8.87 2.93 -31.07
N LEU D 183 8.75 2.49 -32.33
CA LEU D 183 7.53 1.88 -32.86
C LEU D 183 7.80 0.40 -33.05
N THR D 184 7.26 -0.42 -32.14
CA THR D 184 7.53 -1.85 -32.10
C THR D 184 6.42 -2.62 -32.81
N LEU D 185 6.80 -3.43 -33.81
CA LEU D 185 5.83 -4.29 -34.48
C LEU D 185 6.32 -5.74 -34.50
N THR D 186 5.62 -6.59 -35.23
CA THR D 186 6.09 -7.93 -35.52
C THR D 186 6.84 -7.93 -36.85
N LYS D 187 7.55 -9.03 -37.11
CA LYS D 187 8.22 -9.16 -38.41
C LYS D 187 7.21 -9.08 -39.54
N ASP D 188 6.11 -9.81 -39.40
CA ASP D 188 5.18 -10.03 -40.51
C ASP D 188 4.41 -8.75 -40.84
N GLU D 189 3.90 -8.05 -39.81
CA GLU D 189 3.22 -6.80 -40.06
C GLU D 189 4.18 -5.75 -40.61
N TYR D 190 5.44 -5.79 -40.16
CA TYR D 190 6.44 -4.88 -40.70
C TYR D 190 6.73 -5.18 -42.17
N GLU D 191 6.78 -6.46 -42.53
CA GLU D 191 7.07 -6.89 -43.89
C GLU D 191 5.83 -6.96 -44.77
N ARG D 192 4.66 -6.56 -44.26
CA ARG D 192 3.47 -6.38 -45.07
C ARG D 192 3.25 -4.95 -45.52
N HIS D 193 4.07 -4.01 -45.02
CA HIS D 193 4.03 -2.62 -45.44
C HIS D 193 5.43 -2.20 -45.89
N ASN D 194 5.51 -1.02 -46.49
CA ASN D 194 6.79 -0.52 -47.02
C ASN D 194 7.12 0.92 -46.67
N SER D 195 6.16 1.78 -46.35
CA SER D 195 6.44 3.19 -46.06
C SER D 195 6.28 3.44 -44.57
N TYR D 196 7.34 3.97 -43.94
CA TYR D 196 7.37 4.24 -42.51
C TYR D 196 7.80 5.67 -42.28
N THR D 197 6.93 6.46 -41.67
CA THR D 197 7.12 7.89 -41.52
C THR D 197 7.01 8.25 -40.04
N CYS D 198 7.95 9.05 -39.53
CA CYS D 198 7.79 9.74 -38.26
C CYS D 198 7.78 11.24 -38.48
N GLU D 199 6.68 11.88 -38.10
CA GLU D 199 6.48 13.30 -38.25
C GLU D 199 6.21 13.93 -36.89
N ALA D 200 6.59 15.19 -36.74
CA ALA D 200 6.43 15.91 -35.47
C ALA D 200 6.07 17.35 -35.74
N THR D 201 5.09 17.87 -35.00
CA THR D 201 4.73 19.27 -35.06
C THR D 201 5.39 19.99 -33.89
N HIS D 202 6.04 21.11 -34.20
CA HIS D 202 6.81 21.83 -33.20
C HIS D 202 6.76 23.32 -33.54
N LYS D 203 7.09 24.14 -32.54
CA LYS D 203 6.92 25.58 -32.68
C LYS D 203 7.77 26.17 -33.79
N THR D 204 8.88 25.51 -34.12
CA THR D 204 9.90 26.14 -34.95
C THR D 204 9.36 26.56 -36.32
N SER D 205 8.56 25.71 -36.95
CA SER D 205 8.10 26.04 -38.30
C SER D 205 6.65 25.60 -38.49
N THR D 206 5.98 26.24 -39.45
CA THR D 206 4.58 25.92 -39.72
C THR D 206 4.41 24.45 -40.11
N SER D 207 5.18 24.00 -41.08
CA SER D 207 5.03 22.64 -41.57
C SER D 207 5.53 21.63 -40.53
N PRO D 208 4.77 20.58 -40.24
CA PRO D 208 5.32 19.46 -39.48
C PRO D 208 6.58 18.93 -40.15
N ILE D 209 7.56 18.57 -39.34
CA ILE D 209 8.83 18.05 -39.84
C ILE D 209 8.70 16.54 -40.01
N VAL D 210 9.06 16.05 -41.20
CA VAL D 210 8.85 14.66 -41.60
C VAL D 210 10.19 14.03 -41.92
N LYS D 211 10.34 12.76 -41.51
CA LYS D 211 11.52 11.96 -41.83
C LYS D 211 11.05 10.52 -41.99
N SER D 212 11.27 9.95 -43.18
CA SER D 212 10.72 8.64 -43.49
C SER D 212 11.72 7.87 -44.34
N PHE D 213 11.40 6.59 -44.58
CA PHE D 213 12.22 5.74 -45.41
C PHE D 213 11.35 4.64 -46.00
N ASN D 214 11.82 4.06 -47.10
CA ASN D 214 11.12 2.98 -47.80
C ASN D 214 11.96 1.71 -47.74
N ARG D 215 11.30 0.57 -47.57
CA ARG D 215 11.96 -0.72 -47.50
C ARG D 215 12.41 -1.25 -48.86
N ASN D 216 12.27 -0.46 -49.93
CA ASN D 216 12.66 -0.93 -51.25
C ASN D 216 14.16 -1.15 -51.34
N GLU D 217 14.95 -0.19 -50.86
CA GLU D 217 16.40 -0.32 -50.84
C GLU D 217 16.85 -1.25 -49.72
N GLN E 1 19.81 64.65 -5.39
CA GLN E 1 21.15 64.91 -4.85
C GLN E 1 21.75 63.64 -4.25
N GLU E 2 22.81 63.14 -4.88
CA GLU E 2 23.46 61.91 -4.48
C GLU E 2 24.79 62.20 -3.81
N LEU E 3 25.07 61.48 -2.71
CA LEU E 3 26.32 61.63 -1.97
C LEU E 3 26.90 60.27 -1.70
N LEU E 4 28.19 60.11 -1.98
CA LEU E 4 28.94 58.90 -1.65
C LEU E 4 29.82 59.22 -0.45
N VAL E 5 29.52 58.60 0.70
CA VAL E 5 30.21 58.91 1.94
C VAL E 5 30.88 57.64 2.47
N ASN E 6 31.66 57.81 3.52
CA ASN E 6 32.48 56.70 4.03
C ASN E 6 31.61 55.66 4.73
N TYR E 7 31.99 54.39 4.57
CA TYR E 7 31.23 53.26 5.07
C TYR E 7 32.15 52.06 5.27
N VAL E 8 31.70 51.13 6.12
CA VAL E 8 32.19 49.75 6.15
C VAL E 8 31.00 48.83 6.27
N SER E 9 31.10 47.64 5.68
CA SER E 9 29.99 46.71 5.67
C SER E 9 30.50 45.34 5.25
N ASP E 10 29.59 44.36 5.28
CA ASP E 10 29.83 43.00 4.76
C ASP E 10 30.98 42.31 5.50
N VAL E 11 30.93 42.39 6.83
CA VAL E 11 31.92 41.71 7.68
C VAL E 11 31.54 40.23 7.74
N ARG E 12 32.39 39.39 7.15
CA ARG E 12 32.15 37.94 7.08
C ARG E 12 33.42 37.19 7.49
N VAL E 13 33.24 36.16 8.33
CA VAL E 13 34.32 35.31 8.83
C VAL E 13 34.24 33.97 8.11
N SER E 14 35.40 33.38 7.85
CA SER E 14 35.48 32.09 7.19
C SER E 14 36.40 31.18 7.99
N PRO E 15 36.00 29.93 8.27
CA PRO E 15 34.66 29.39 7.96
C PRO E 15 33.58 29.90 8.91
N ALA E 16 32.32 29.82 8.47
CA ALA E 16 31.23 30.53 9.13
C ALA E 16 30.81 29.87 10.44
N ALA E 17 30.71 28.54 10.46
CA ALA E 17 30.28 27.79 11.64
C ALA E 17 31.23 26.61 11.81
N PRO E 18 32.41 26.84 12.37
CA PRO E 18 33.44 25.79 12.39
C PRO E 18 33.11 24.70 13.40
N GLU E 19 33.41 23.46 13.02
CA GLU E 19 33.34 22.31 13.89
C GLU E 19 34.70 21.62 13.88
N ARG E 20 35.30 21.47 15.06
CA ARG E 20 36.63 20.91 15.18
C ARG E 20 36.67 19.90 16.32
N GLN E 21 37.41 18.83 16.12
CA GLN E 21 37.65 17.89 17.20
C GLN E 21 38.61 18.50 18.23
N GLU E 22 38.56 17.97 19.44
CA GLU E 22 39.45 18.44 20.49
C GLU E 22 40.90 18.11 20.16
N GLY E 23 41.78 19.11 20.30
CA GLY E 23 43.18 18.96 20.01
C GLY E 23 43.59 19.41 18.62
N SER E 24 42.64 19.55 17.68
CA SER E 24 42.95 20.00 16.33
C SER E 24 43.26 21.50 16.32
N SER E 25 43.26 22.11 15.14
CA SER E 25 43.53 23.53 15.01
C SER E 25 42.51 24.16 14.07
N LEU E 26 42.36 25.48 14.20
CA LEU E 26 41.36 26.22 13.46
C LEU E 26 41.96 27.55 13.01
N THR E 27 41.70 27.92 11.75
CA THR E 27 42.17 29.18 11.17
C THR E 27 40.96 30.02 10.80
N LEU E 28 40.78 31.14 11.50
CA LEU E 28 39.68 32.06 11.25
C LEU E 28 40.16 33.24 10.42
N THR E 29 39.32 33.67 9.48
CA THR E 29 39.68 34.72 8.54
C THR E 29 38.51 35.69 8.39
N CYS E 30 38.79 36.98 8.58
CA CYS E 30 37.78 38.02 8.53
C CYS E 30 37.93 38.85 7.25
N GLU E 31 36.81 39.46 6.82
CA GLU E 31 36.78 40.19 5.57
C GLU E 31 35.68 41.22 5.62
N ALA E 32 35.90 42.36 4.97
CA ALA E 32 34.90 43.43 4.96
C ALA E 32 35.13 44.34 3.78
N GLU E 33 34.03 44.83 3.21
CA GLU E 33 34.03 45.80 2.12
C GLU E 33 33.79 47.18 2.70
N SER E 34 34.57 48.16 2.24
CA SER E 34 34.53 49.49 2.85
C SER E 34 35.17 50.51 1.92
N SER E 35 35.11 51.77 2.36
CA SER E 35 35.60 52.90 1.58
C SER E 35 37.12 53.04 1.62
N GLN E 36 37.77 52.53 2.67
CA GLN E 36 39.15 52.90 2.98
C GLN E 36 39.99 51.67 3.27
N ASP E 37 41.22 51.91 3.74
CA ASP E 37 42.01 50.83 4.31
C ASP E 37 41.34 50.35 5.58
N LEU E 38 41.56 49.09 5.92
CA LEU E 38 40.93 48.49 7.09
C LEU E 38 41.96 47.90 8.03
N GLU E 39 41.66 47.98 9.31
CA GLU E 39 42.36 47.25 10.35
C GLU E 39 41.42 46.23 10.96
N PHE E 40 41.93 45.04 11.25
CA PHE E 40 41.12 43.95 11.79
C PHE E 40 41.62 43.59 13.18
N GLN E 41 40.75 42.90 13.92
CA GLN E 41 40.96 42.69 15.35
C GLN E 41 40.02 41.58 15.83
N TRP E 42 40.51 40.73 16.72
CA TRP E 42 39.77 39.56 17.17
C TRP E 42 39.54 39.63 18.68
N LEU E 43 38.31 39.33 19.10
CA LEU E 43 37.90 39.40 20.49
C LEU E 43 37.35 38.05 20.94
N ARG E 44 37.23 37.90 22.26
CA ARG E 44 36.69 36.69 22.88
C ARG E 44 35.45 37.11 23.65
N GLU E 45 34.31 37.09 22.96
CA GLU E 45 33.00 37.57 23.40
C GLU E 45 32.88 37.85 24.90
N GLU E 46 33.01 36.80 25.72
CA GLU E 46 32.80 36.95 27.15
C GLU E 46 33.91 37.75 27.83
N THR E 47 35.00 38.05 27.11
CA THR E 47 36.12 38.84 27.66
C THR E 47 36.47 39.92 26.66
N GLY E 48 36.51 41.17 27.12
CA GLY E 48 36.95 42.25 26.27
C GLY E 48 38.35 42.04 25.73
N GLN E 49 39.08 41.12 26.36
CA GLN E 49 40.42 40.70 25.98
C GLN E 49 40.54 40.47 24.48
N VAL E 50 41.43 41.23 23.84
CA VAL E 50 41.73 41.02 22.42
C VAL E 50 42.64 39.80 22.31
N LEU E 51 42.62 39.15 21.16
CA LEU E 51 43.39 37.92 20.95
C LEU E 51 44.53 38.14 19.97
N GLU E 52 44.22 38.44 18.71
CA GLU E 52 45.25 38.73 17.72
C GLU E 52 44.75 39.86 16.82
N ARG E 53 45.68 40.65 16.33
CA ARG E 53 45.39 41.75 15.42
C ARG E 53 45.57 41.28 13.98
N GLY E 54 44.75 41.82 13.08
CA GLY E 54 44.78 41.43 11.69
C GLY E 54 43.65 40.46 11.35
N PRO E 55 43.48 40.17 10.07
CA PRO E 55 42.31 39.39 9.62
C PRO E 55 42.40 37.89 9.84
N VAL E 56 43.46 37.38 10.48
CA VAL E 56 43.66 35.95 10.63
C VAL E 56 43.86 35.63 12.12
N LEU E 57 43.04 34.73 12.64
CA LEU E 57 43.14 34.26 14.02
C LEU E 57 43.43 32.76 13.99
N GLN E 58 44.57 32.37 14.56
CA GLN E 58 45.01 30.98 14.55
C GLN E 58 44.89 30.40 15.96
N LEU E 59 44.11 29.34 16.10
CA LEU E 59 43.92 28.65 17.37
C LEU E 59 44.42 27.21 17.24
N HIS E 60 45.10 26.73 18.28
CA HIS E 60 45.71 25.40 18.26
C HIS E 60 45.38 24.65 19.53
N ASP E 61 45.47 23.32 19.45
CA ASP E 61 45.24 22.41 20.58
C ASP E 61 43.93 22.75 21.30
N LEU E 62 42.85 22.81 20.54
CA LEU E 62 41.61 23.37 21.07
C LEU E 62 41.07 22.49 22.18
N LYS E 63 41.15 22.95 23.42
CA LYS E 63 40.35 22.37 24.48
C LYS E 63 38.92 22.89 24.33
N ARG E 64 37.97 22.17 24.95
CA ARG E 64 36.57 22.56 24.76
C ARG E 64 36.24 23.89 25.43
N GLU E 65 37.11 24.40 26.31
CA GLU E 65 36.89 25.74 26.84
C GLU E 65 37.06 26.81 25.77
N ALA E 66 37.75 26.50 24.66
CA ALA E 66 37.98 27.48 23.62
C ALA E 66 36.78 27.68 22.70
N GLY E 67 35.77 26.83 22.79
CA GLY E 67 34.58 27.00 22.00
C GLY E 67 33.79 28.25 22.38
N GLY E 68 32.84 28.60 21.52
CA GLY E 68 32.01 29.75 21.78
C GLY E 68 32.26 30.92 20.85
N GLY E 69 32.11 32.13 21.38
CA GLY E 69 32.07 33.32 20.55
C GLY E 69 33.45 33.93 20.33
N TYR E 70 33.76 34.16 19.06
CA TYR E 70 34.90 34.98 18.65
C TYR E 70 34.36 36.07 17.74
N ARG E 71 34.87 37.28 17.88
CA ARG E 71 34.26 38.45 17.26
C ARG E 71 35.34 39.27 16.56
N CYS E 72 35.20 39.42 15.24
CA CYS E 72 36.11 40.22 14.44
C CYS E 72 35.64 41.65 14.34
N VAL E 73 36.57 42.59 14.48
CA VAL E 73 36.30 44.02 14.42
C VAL E 73 37.04 44.59 13.21
N ALA E 74 36.29 45.15 12.27
CA ALA E 74 36.84 45.76 11.05
C ALA E 74 36.61 47.27 11.12
N SER E 75 37.66 48.02 11.41
CA SER E 75 37.58 49.45 11.62
C SER E 75 38.42 50.20 10.59
N VAL E 76 38.14 51.50 10.47
CA VAL E 76 38.91 52.39 9.60
C VAL E 76 39.88 53.15 10.47
N PRO E 77 41.19 53.15 10.18
CA PRO E 77 42.09 53.99 10.98
C PRO E 77 41.79 55.47 10.80
N SER E 78 41.57 55.92 9.57
CA SER E 78 41.40 57.34 9.29
C SER E 78 40.10 57.90 9.85
N ILE E 79 39.23 57.06 10.42
CA ILE E 79 37.98 57.55 11.00
C ILE E 79 37.74 56.87 12.34
N PRO E 80 37.83 57.60 13.46
CA PRO E 80 37.54 57.00 14.76
C PRO E 80 36.06 56.61 14.87
N GLY E 81 35.83 55.42 15.40
CA GLY E 81 34.48 54.93 15.63
C GLY E 81 33.84 54.23 14.44
N LEU E 82 34.39 54.38 13.23
CA LEU E 82 33.83 53.75 12.04
C LEU E 82 34.33 52.31 11.96
N ASN E 83 33.57 51.40 12.57
CA ASN E 83 33.81 49.98 12.39
C ASN E 83 32.47 49.25 12.24
N ARG E 84 32.57 48.01 11.80
CA ARG E 84 31.46 47.08 11.97
C ARG E 84 32.03 45.76 12.47
N THR E 85 31.16 44.97 13.10
CA THR E 85 31.59 43.79 13.80
C THR E 85 30.80 42.58 13.33
N GLN E 86 31.46 41.43 13.36
CA GLN E 86 30.82 40.17 13.02
C GLN E 86 31.31 39.08 13.96
N LEU E 87 30.38 38.25 14.41
CA LEU E 87 30.63 37.22 15.41
C LEU E 87 30.61 35.84 14.75
N VAL E 88 31.47 34.96 15.26
CA VAL E 88 31.51 33.57 14.84
C VAL E 88 31.47 32.69 16.08
N ASN E 89 30.71 31.59 15.99
CA ASN E 89 30.59 30.61 17.06
C ASN E 89 31.24 29.32 16.58
N VAL E 90 32.31 28.91 17.27
CA VAL E 90 33.03 27.67 16.97
C VAL E 90 32.55 26.59 17.91
N ALA E 91 32.43 25.37 17.40
CA ALA E 91 31.88 24.26 18.16
C ALA E 91 32.94 23.18 18.36
N ILE E 92 33.15 22.79 19.61
CA ILE E 92 34.09 21.73 19.95
C ILE E 92 33.29 20.48 20.27
N PHE E 93 33.50 19.43 19.47
CA PHE E 93 32.85 18.15 19.74
C PHE E 93 33.24 17.64 21.12
N GLY E 94 32.23 17.25 21.90
CA GLY E 94 32.47 16.78 23.25
C GLY E 94 31.19 16.43 23.99
N PRO E 95 31.35 15.69 25.08
CA PRO E 95 30.19 15.32 25.93
C PRO E 95 29.58 16.55 26.59
N PRO E 96 28.43 16.41 27.23
CA PRO E 96 27.80 17.58 27.86
C PRO E 96 28.63 18.13 29.00
N TRP E 97 28.66 19.47 29.07
CA TRP E 97 29.36 20.21 30.12
C TRP E 97 28.31 20.92 30.95
N MET E 98 28.12 20.47 32.20
CA MET E 98 27.14 21.08 33.07
C MET E 98 27.57 22.47 33.51
N ALA E 99 26.61 23.40 33.55
CA ALA E 99 26.90 24.74 34.08
C ALA E 99 27.25 24.69 35.56
N PHE E 100 26.73 23.68 36.27
CA PHE E 100 27.03 23.43 37.67
C PHE E 100 26.94 21.94 37.89
N LYS E 101 27.67 21.45 38.90
CA LYS E 101 27.59 20.03 39.24
C LYS E 101 26.90 19.76 40.56
N GLU E 102 26.96 20.69 41.52
CA GLU E 102 26.37 20.47 42.83
C GLU E 102 25.92 21.80 43.41
N ARG E 103 24.60 21.97 43.60
CA ARG E 103 24.07 23.17 44.23
C ARG E 103 22.86 22.80 45.08
N LYS E 104 22.52 23.67 46.02
CA LYS E 104 21.45 23.42 46.98
C LYS E 104 20.52 24.62 47.04
N VAL E 105 19.25 24.35 47.31
CA VAL E 105 18.21 25.37 47.43
C VAL E 105 17.55 25.25 48.80
N TRP E 106 17.34 26.40 49.45
CA TRP E 106 16.57 26.46 50.68
C TRP E 106 15.09 26.49 50.35
N VAL E 107 14.30 25.63 51.00
CA VAL E 107 12.89 25.51 50.68
C VAL E 107 12.05 25.53 51.95
N LYS E 108 10.78 25.84 51.76
CA LYS E 108 9.72 25.68 52.76
C LYS E 108 8.94 24.43 52.42
N GLU E 109 8.38 23.78 53.44
CA GLU E 109 7.65 22.53 53.23
C GLU E 109 6.30 22.77 52.56
N ASN E 110 6.18 23.89 51.86
CA ASN E 110 4.88 24.48 51.55
C ASN E 110 4.82 24.96 50.11
N MET E 111 5.59 24.35 49.20
CA MET E 111 5.97 25.06 47.98
C MET E 111 6.04 24.15 46.77
N VAL E 112 5.77 24.74 45.60
CA VAL E 112 6.16 24.20 44.30
C VAL E 112 7.25 25.13 43.75
N LEU E 113 8.29 24.56 43.14
CA LEU E 113 9.39 25.38 42.67
C LEU E 113 9.79 24.98 41.25
N ASN E 114 10.25 25.98 40.50
CA ASN E 114 10.70 25.82 39.11
C ASN E 114 12.22 25.71 39.12
N LEU E 115 12.72 24.50 38.94
CA LEU E 115 14.15 24.25 38.97
C LEU E 115 14.72 24.29 37.57
N SER E 116 15.99 24.71 37.48
CA SER E 116 16.66 24.86 36.20
C SER E 116 17.93 24.03 36.16
N CYS E 117 18.29 23.60 34.95
CA CYS E 117 19.49 22.81 34.73
C CYS E 117 20.05 23.20 33.37
N GLU E 118 21.31 23.62 33.34
CA GLU E 118 21.95 24.15 32.15
C GLU E 118 23.18 23.32 31.81
N ALA E 119 23.35 23.01 30.52
CA ALA E 119 24.45 22.18 30.07
C ALA E 119 24.82 22.55 28.63
N SER E 120 26.11 22.41 28.31
CA SER E 120 26.63 22.76 26.99
C SER E 120 27.44 21.60 26.42
N GLY E 121 27.50 21.55 25.09
CA GLY E 121 28.24 20.53 24.38
C GLY E 121 27.90 20.48 22.90
N HIS E 122 28.73 19.84 22.09
CA HIS E 122 28.48 19.72 20.66
C HIS E 122 28.47 18.25 20.26
N PRO E 123 27.38 17.73 19.68
CA PRO E 123 26.15 18.44 19.33
C PRO E 123 25.39 18.90 20.56
N ARG E 124 24.45 19.82 20.41
CA ARG E 124 23.78 20.38 21.56
C ARG E 124 23.10 19.30 22.37
N PRO E 125 23.36 19.21 23.67
CA PRO E 125 22.76 18.16 24.49
C PRO E 125 21.28 18.40 24.74
N THR E 126 20.64 17.38 25.33
CA THR E 126 19.26 17.43 25.77
C THR E 126 19.20 16.89 27.20
N ILE E 127 18.32 17.47 28.01
CA ILE E 127 18.29 17.25 29.45
C ILE E 127 17.06 16.46 29.84
N SER E 128 17.23 15.53 30.77
CA SER E 128 16.13 14.77 31.35
C SER E 128 16.21 14.89 32.87
N TRP E 129 15.08 14.64 33.52
CA TRP E 129 15.00 14.71 34.97
C TRP E 129 14.59 13.36 35.53
N ASN E 130 15.01 13.10 36.78
CA ASN E 130 14.67 11.88 37.48
C ASN E 130 13.36 11.99 38.25
N VAL E 131 12.48 12.91 37.89
CA VAL E 131 11.23 13.09 38.62
C VAL E 131 10.14 13.47 37.61
N ASN E 132 8.93 12.94 37.81
CA ASN E 132 7.89 13.05 36.79
C ASN E 132 7.49 14.51 36.55
N GLY E 133 7.02 14.78 35.33
CA GLY E 133 6.64 16.12 34.94
C GLY E 133 7.22 16.48 33.58
N THR E 134 6.53 17.38 32.88
CA THR E 134 6.96 17.82 31.54
C THR E 134 7.88 19.03 31.68
N ALA E 135 9.15 18.84 31.36
CA ALA E 135 10.14 19.91 31.39
C ALA E 135 10.19 20.62 30.05
N SER E 136 10.23 21.95 30.09
CA SER E 136 10.37 22.75 28.89
C SER E 136 11.82 23.16 28.72
N GLU E 137 12.31 23.07 27.49
CA GLU E 137 13.70 23.36 27.16
C GLU E 137 13.79 24.67 26.41
N GLN E 138 14.53 25.63 26.96
CA GLN E 138 14.80 26.90 26.31
C GLN E 138 16.19 26.81 25.69
N ASP E 139 16.24 26.82 24.36
CA ASP E 139 17.50 26.89 23.66
C ASP E 139 18.13 28.27 23.84
N GLN E 140 19.42 28.28 24.16
CA GLN E 140 20.14 29.50 24.51
C GLN E 140 21.12 29.91 23.42
N ASP E 141 22.19 29.16 23.23
CA ASP E 141 23.18 29.37 22.19
C ASP E 141 23.49 28.02 21.57
N PRO E 142 23.91 27.98 20.29
CA PRO E 142 23.91 26.71 19.52
C PRO E 142 24.48 25.48 20.22
N GLN E 143 25.15 25.63 21.36
CA GLN E 143 25.71 24.50 22.07
C GLN E 143 25.18 24.32 23.48
N ARG E 144 24.31 25.20 23.97
CA ARG E 144 23.87 25.15 25.36
C ARG E 144 22.34 25.18 25.45
N VAL E 145 21.80 24.42 26.39
CA VAL E 145 20.36 24.27 26.57
C VAL E 145 20.03 24.44 28.04
N LEU E 146 18.87 25.07 28.32
CA LEU E 146 18.38 25.24 29.68
C LEU E 146 17.04 24.52 29.81
N SER E 147 16.98 23.52 30.68
CA SER E 147 15.76 22.79 30.93
C SER E 147 15.18 23.23 32.27
N THR E 148 13.91 23.59 32.27
CA THR E 148 13.22 24.01 33.49
C THR E 148 12.10 23.03 33.79
N LEU E 149 11.90 22.75 35.07
CA LEU E 149 10.91 21.76 35.50
C LEU E 149 10.38 22.16 36.87
N ASN E 150 9.08 21.99 37.06
CA ASN E 150 8.42 22.35 38.31
C ASN E 150 8.22 21.11 39.16
N VAL E 151 8.69 21.15 40.40
CA VAL E 151 8.53 20.04 41.34
C VAL E 151 7.80 20.55 42.57
N LEU E 152 7.00 19.66 43.17
CA LEU E 152 6.31 19.96 44.41
C LEU E 152 7.13 19.43 45.58
N VAL E 153 7.29 20.27 46.61
CA VAL E 153 8.10 19.92 47.77
C VAL E 153 7.39 18.82 48.55
N THR E 154 7.96 17.62 48.55
CA THR E 154 7.41 16.47 49.23
C THR E 154 8.47 15.83 50.12
N PRO E 155 8.06 15.16 51.21
CA PRO E 155 9.06 14.57 52.12
C PRO E 155 10.07 13.66 51.45
N GLU E 156 9.62 12.77 50.56
CA GLU E 156 10.56 11.90 49.87
C GLU E 156 11.52 12.69 48.99
N LEU E 157 11.06 13.82 48.45
CA LEU E 157 11.88 14.62 47.56
C LEU E 157 13.08 15.22 48.29
N LEU E 158 12.88 15.75 49.50
CA LEU E 158 13.99 16.32 50.26
C LEU E 158 14.91 15.25 50.83
N GLU E 159 14.47 13.99 50.86
CA GLU E 159 15.36 12.91 51.22
C GLU E 159 16.34 12.62 50.08
N THR E 160 15.82 12.45 48.88
CA THR E 160 16.61 11.95 47.75
C THR E 160 17.32 13.05 46.96
N GLY E 161 16.80 14.26 46.93
CA GLY E 161 17.35 15.28 46.06
C GLY E 161 16.76 15.20 44.65
N VAL E 162 17.34 15.98 43.75
CA VAL E 162 16.90 16.03 42.35
C VAL E 162 18.10 15.91 41.44
N GLU E 163 17.98 15.09 40.39
CA GLU E 163 19.07 14.91 39.44
C GLU E 163 18.56 15.22 38.03
N CYS E 164 19.20 16.17 37.37
CA CYS E 164 19.02 16.39 35.95
C CYS E 164 20.16 15.73 35.19
N THR E 165 19.83 15.01 34.12
CA THR E 165 20.81 14.31 33.30
C THR E 165 20.82 14.93 31.91
N ALA E 166 21.98 15.42 31.50
CA ALA E 166 22.16 16.01 30.17
C ALA E 166 22.78 14.98 29.24
N SER E 167 22.04 14.56 28.23
CA SER E 167 22.50 13.54 27.30
C SER E 167 22.93 14.17 25.97
N ASN E 168 23.85 13.48 25.31
CA ASN E 168 24.44 13.90 24.05
C ASN E 168 24.94 12.63 23.38
N ASP E 169 24.94 12.63 22.04
CA ASP E 169 25.41 11.48 21.28
C ASP E 169 26.83 11.05 21.67
N LEU E 170 27.60 11.92 22.33
CA LEU E 170 28.96 11.61 22.71
C LEU E 170 29.09 11.17 24.17
N GLY E 171 28.06 11.37 24.98
CA GLY E 171 28.13 10.98 26.38
C GLY E 171 27.04 11.66 27.18
N LYS E 172 27.06 11.36 28.48
CA LYS E 172 26.08 11.88 29.42
C LYS E 172 26.77 12.49 30.63
N ASN E 173 26.24 13.61 31.12
CA ASN E 173 26.75 14.28 32.29
C ASN E 173 25.57 14.62 33.19
N THR E 174 25.81 14.68 34.50
CA THR E 174 24.75 14.78 35.48
C THR E 174 24.99 15.95 36.42
N SER E 175 23.90 16.47 36.97
CA SER E 175 23.93 17.45 38.05
C SER E 175 22.90 17.06 39.10
N ILE E 176 23.14 17.47 40.33
CA ILE E 176 22.28 17.12 41.45
C ILE E 176 21.92 18.40 42.21
N LEU E 177 20.65 18.55 42.53
CA LEU E 177 20.15 19.67 43.33
C LEU E 177 19.63 19.15 44.64
N PHE E 178 20.30 19.50 45.74
CA PHE E 178 19.82 19.14 47.07
C PHE E 178 18.79 20.17 47.55
N LEU E 179 17.82 19.68 48.31
CA LEU E 179 16.76 20.51 48.88
C LEU E 179 16.78 20.32 50.39
N GLU E 180 17.00 21.41 51.13
CA GLU E 180 17.02 21.38 52.58
C GLU E 180 16.04 22.40 53.13
N LEU E 181 15.31 22.02 54.18
CA LEU E 181 14.34 22.90 54.81
C LEU E 181 15.03 24.11 55.44
N VAL E 182 14.22 25.11 55.78
CA VAL E 182 14.73 26.33 56.38
C VAL E 182 15.13 26.05 57.84
N GLU F 1 40.06 13.67 -0.67
CA GLU F 1 38.66 13.82 -1.04
C GLU F 1 37.79 12.78 -0.33
N VAL F 2 36.61 13.21 0.11
CA VAL F 2 35.70 12.37 0.85
C VAL F 2 34.81 11.61 -0.12
N GLN F 3 34.61 10.32 0.15
CA GLN F 3 33.84 9.45 -0.71
C GLN F 3 32.92 8.56 0.11
N LEU F 4 31.65 8.52 -0.26
CA LEU F 4 30.69 7.55 0.24
C LEU F 4 30.16 6.80 -0.98
N LEU F 5 30.52 5.53 -1.11
CA LEU F 5 30.13 4.71 -2.25
C LEU F 5 29.19 3.61 -1.79
N GLU F 6 28.02 3.53 -2.42
CA GLU F 6 26.97 2.62 -2.00
C GLU F 6 26.94 1.36 -2.88
N SER F 7 26.33 0.31 -2.34
CA SER F 7 26.27 -0.99 -2.99
C SER F 7 25.47 -0.94 -4.29
N GLY F 8 25.47 -2.04 -5.06
CA GLY F 8 24.76 -2.06 -6.33
C GLY F 8 23.24 -2.12 -6.17
N ALA F 9 22.56 -1.95 -7.29
CA ALA F 9 21.10 -2.01 -7.30
C ALA F 9 20.62 -3.39 -6.86
N GLU F 10 19.38 -3.43 -6.36
CA GLU F 10 18.83 -4.65 -5.77
C GLU F 10 17.47 -4.95 -6.39
N LEU F 11 17.16 -6.25 -6.46
CA LEU F 11 15.85 -6.74 -6.86
C LEU F 11 15.36 -7.67 -5.76
N VAL F 12 14.33 -7.23 -5.03
CA VAL F 12 13.87 -7.94 -3.84
C VAL F 12 12.42 -8.37 -4.05
N ARG F 13 12.11 -9.59 -3.59
CA ARG F 13 10.74 -10.07 -3.65
C ARG F 13 9.92 -9.41 -2.55
N PRO F 14 8.64 -9.13 -2.79
CA PRO F 14 7.81 -8.53 -1.74
C PRO F 14 7.77 -9.40 -0.49
N GLY F 15 7.87 -8.75 0.67
CA GLY F 15 7.92 -9.43 1.93
C GLY F 15 9.31 -9.82 2.39
N ALA F 16 10.31 -9.78 1.50
CA ALA F 16 11.68 -10.10 1.85
C ALA F 16 12.38 -8.85 2.39
N SER F 17 13.68 -8.99 2.65
CA SER F 17 14.47 -7.92 3.20
C SER F 17 15.74 -7.72 2.38
N VAL F 18 16.36 -6.56 2.55
CA VAL F 18 17.56 -6.20 1.84
C VAL F 18 18.40 -5.31 2.75
N LYS F 19 19.72 -5.36 2.56
CA LYS F 19 20.67 -4.61 3.37
C LYS F 19 21.53 -3.75 2.44
N LEU F 20 21.26 -2.45 2.42
CA LEU F 20 22.09 -1.52 1.67
C LEU F 20 23.38 -1.24 2.45
N SER F 21 24.45 -0.95 1.70
CA SER F 21 25.76 -0.65 2.27
C SER F 21 26.26 0.69 1.77
N CYS F 22 27.10 1.32 2.59
CA CYS F 22 27.66 2.65 2.36
C CYS F 22 29.09 2.63 2.84
N LYS F 23 30.04 2.39 1.93
CA LYS F 23 31.45 2.29 2.28
C LYS F 23 32.10 3.68 2.25
N THR F 24 32.67 4.10 3.37
CA THR F 24 33.19 5.45 3.52
C THR F 24 34.71 5.49 3.49
N SER F 25 35.25 6.63 3.09
CA SER F 25 36.69 6.84 3.06
C SER F 25 36.97 8.34 3.01
N GLY F 26 38.25 8.69 3.11
CA GLY F 26 38.68 10.07 3.02
C GLY F 26 38.55 10.88 4.29
N TYR F 27 38.03 10.30 5.37
CA TYR F 27 37.82 11.04 6.60
C TYR F 27 37.77 10.05 7.76
N ILE F 28 37.89 10.58 8.97
CA ILE F 28 37.81 9.76 10.18
C ILE F 28 36.35 9.31 10.34
N PHE F 29 36.10 8.03 10.11
CA PHE F 29 34.74 7.52 10.00
C PHE F 29 33.92 7.75 11.27
N THR F 30 34.57 7.75 12.43
CA THR F 30 33.86 7.84 13.70
C THR F 30 33.58 9.27 14.15
N ASN F 31 33.96 10.26 13.36
CA ASN F 31 33.78 11.66 13.73
C ASN F 31 32.60 12.33 13.00
N TYR F 32 31.80 11.56 12.29
CA TYR F 32 30.73 12.13 11.48
C TYR F 32 29.53 11.18 11.49
N TRP F 33 28.33 11.79 11.46
CA TRP F 33 27.09 11.04 11.38
C TRP F 33 26.81 10.62 9.95
N ILE F 34 26.02 9.57 9.81
CA ILE F 34 25.61 9.05 8.51
C ILE F 34 24.10 8.97 8.47
N HIS F 35 23.49 9.56 7.45
CA HIS F 35 22.05 9.62 7.30
C HIS F 35 21.64 8.93 6.01
N TRP F 36 20.42 8.42 5.99
CA TRP F 36 19.88 7.74 4.82
C TRP F 36 18.64 8.49 4.34
N VAL F 37 18.59 8.77 3.04
CA VAL F 37 17.51 9.54 2.45
C VAL F 37 16.87 8.72 1.34
N LYS F 38 15.55 8.68 1.34
CA LYS F 38 14.76 7.97 0.33
C LYS F 38 14.23 8.96 -0.69
N GLN F 39 14.33 8.58 -1.97
CA GLN F 39 13.78 9.41 -3.05
C GLN F 39 13.08 8.50 -4.04
N ARG F 40 11.77 8.68 -4.19
CA ARG F 40 10.95 7.84 -5.05
C ARG F 40 10.77 8.50 -6.42
N SER F 41 11.20 7.80 -7.46
CA SER F 41 10.99 8.17 -8.86
C SER F 41 11.38 9.62 -9.13
N GLY F 42 12.60 9.97 -8.69
CA GLY F 42 13.28 11.16 -9.16
C GLY F 42 12.94 12.46 -8.45
N GLN F 43 11.82 12.53 -7.73
CA GLN F 43 11.43 13.75 -7.04
C GLN F 43 11.10 13.45 -5.59
N GLY F 44 11.44 14.39 -4.73
CA GLY F 44 11.16 14.29 -3.30
C GLY F 44 12.28 13.64 -2.52
N LEU F 45 12.39 14.02 -1.24
CA LEU F 45 13.40 13.47 -0.35
C LEU F 45 12.79 13.36 1.06
N GLU F 46 12.76 12.14 1.59
CA GLU F 46 12.36 11.91 2.97
C GLU F 46 13.57 11.41 3.75
N TRP F 47 13.81 12.00 4.92
CA TRP F 47 14.89 11.56 5.80
C TRP F 47 14.46 10.30 6.54
N ILE F 48 15.30 9.27 6.49
CA ILE F 48 14.97 7.98 7.09
C ILE F 48 15.47 7.92 8.53
N ALA F 49 16.78 7.95 8.72
CA ALA F 49 17.36 7.79 10.04
C ALA F 49 18.82 8.23 10.00
N ARG F 50 19.43 8.28 11.19
CA ARG F 50 20.82 8.68 11.36
C ARG F 50 21.47 7.76 12.37
N ILE F 51 22.79 7.59 12.23
CA ILE F 51 23.58 6.80 13.16
C ILE F 51 24.92 7.49 13.39
N TYR F 52 25.36 7.52 14.65
CA TYR F 52 26.69 7.99 14.96
C TYR F 52 27.59 6.78 15.12
N PRO F 53 28.55 6.55 14.21
CA PRO F 53 29.35 5.31 14.27
C PRO F 53 30.29 5.24 15.46
N GLY F 54 30.53 6.35 16.17
CA GLY F 54 31.40 6.29 17.33
C GLY F 54 30.74 5.62 18.53
N THR F 55 29.50 6.00 18.81
CA THR F 55 28.76 5.48 19.95
C THR F 55 27.67 4.50 19.57
N ASP F 56 27.49 4.25 18.27
CA ASP F 56 26.48 3.32 17.77
C ASP F 56 25.06 3.76 18.13
N ILE F 57 24.83 5.07 18.16
CA ILE F 57 23.55 5.66 18.55
C ILE F 57 22.75 5.98 17.30
N THR F 58 21.50 5.51 17.25
CA THR F 58 20.62 5.67 16.11
C THR F 58 19.38 6.47 16.49
N TYR F 59 18.89 7.28 15.55
CA TYR F 59 17.63 7.99 15.67
C TYR F 59 16.87 7.81 14.36
N TYR F 60 15.60 7.43 14.48
CA TYR F 60 14.78 7.07 13.32
C TYR F 60 13.63 8.04 13.16
N ASN F 61 13.34 8.37 11.90
CA ASN F 61 12.03 8.94 11.58
C ASN F 61 10.95 7.95 11.98
N GLU F 62 9.90 8.44 12.64
CA GLU F 62 8.83 7.57 13.11
C GLU F 62 8.21 6.78 11.96
N LYS F 63 8.12 7.39 10.77
CA LYS F 63 7.52 6.73 9.63
C LYS F 63 8.26 5.45 9.23
N PHE F 64 9.52 5.32 9.60
CA PHE F 64 10.37 4.22 9.13
C PHE F 64 10.78 3.27 10.25
N LYS F 65 10.21 3.39 11.44
CA LYS F 65 10.48 2.42 12.49
C LYS F 65 9.84 1.09 12.13
N GLY F 66 10.57 0.00 12.40
CA GLY F 66 10.17 -1.31 11.93
C GLY F 66 10.47 -1.57 10.46
N LYS F 67 10.90 -0.56 9.71
CA LYS F 67 11.23 -0.67 8.29
C LYS F 67 12.72 -0.62 8.03
N ALA F 68 13.43 0.33 8.63
CA ALA F 68 14.86 0.51 8.45
C ALA F 68 15.60 0.30 9.77
N THR F 69 16.76 -0.34 9.69
CA THR F 69 17.65 -0.50 10.83
C THR F 69 19.05 -0.10 10.41
N LEU F 70 19.69 0.77 11.18
CA LEU F 70 21.01 1.29 10.85
C LEU F 70 22.08 0.60 11.69
N THR F 71 23.08 0.02 11.03
CA THR F 71 24.22 -0.57 11.70
C THR F 71 25.50 -0.04 11.08
N VAL F 72 26.61 -0.26 11.76
CA VAL F 72 27.89 0.29 11.34
C VAL F 72 29.01 -0.67 11.72
N ASP F 73 29.87 -1.00 10.75
CA ASP F 73 31.07 -1.78 11.00
C ASP F 73 32.26 -0.85 10.91
N LYS F 74 32.80 -0.45 12.07
CA LYS F 74 33.93 0.45 12.11
C LYS F 74 35.19 -0.16 11.54
N SER F 75 35.27 -1.50 11.50
CA SER F 75 36.45 -2.17 10.95
C SER F 75 36.63 -1.83 9.48
N SER F 76 35.57 -1.93 8.69
CA SER F 76 35.61 -1.58 7.28
C SER F 76 35.18 -0.14 7.02
N SER F 77 34.88 0.63 8.06
CA SER F 77 34.41 2.01 7.93
C SER F 77 33.20 2.09 7.00
N SER F 78 32.19 1.26 7.29
CA SER F 78 31.00 1.18 6.47
C SER F 78 29.75 1.30 7.33
N ALA F 79 28.72 1.91 6.78
CA ALA F 79 27.39 1.95 7.39
C ALA F 79 26.43 1.08 6.60
N TYR F 80 25.40 0.58 7.28
CA TYR F 80 24.44 -0.32 6.66
C TYR F 80 23.02 0.07 7.06
N MET F 81 22.11 0.01 6.09
CA MET F 81 20.67 0.13 6.34
C MET F 81 19.98 -1.14 5.91
N LEU F 82 19.21 -1.74 6.82
CA LEU F 82 18.44 -2.94 6.54
C LEU F 82 16.97 -2.55 6.34
N LEU F 83 16.44 -2.85 5.17
CA LEU F 83 15.03 -2.64 4.88
C LEU F 83 14.29 -3.97 5.05
N SER F 84 13.16 -3.93 5.75
CA SER F 84 12.46 -5.14 6.15
C SER F 84 11.05 -5.17 5.56
N SER F 85 10.62 -6.37 5.19
CA SER F 85 9.25 -6.66 4.75
C SER F 85 8.81 -5.70 3.65
N LEU F 86 9.48 -5.85 2.51
CA LEU F 86 9.36 -4.88 1.44
C LEU F 86 8.04 -5.02 0.70
N LYS F 87 7.44 -3.87 0.37
CA LYS F 87 6.28 -3.81 -0.52
C LYS F 87 6.55 -2.78 -1.60
N SER F 88 5.58 -2.65 -2.52
CA SER F 88 5.77 -1.82 -3.70
C SER F 88 6.11 -0.38 -3.35
N GLU F 89 5.59 0.13 -2.22
CA GLU F 89 5.86 1.49 -1.82
C GLU F 89 7.33 1.75 -1.47
N ASP F 90 8.13 0.70 -1.31
CA ASP F 90 9.53 0.84 -0.95
C ASP F 90 10.45 0.95 -2.16
N SER F 91 9.96 0.65 -3.37
CA SER F 91 10.79 0.78 -4.56
C SER F 91 11.20 2.23 -4.76
N SER F 92 12.48 2.53 -4.54
CA SER F 92 12.99 3.90 -4.62
C SER F 92 14.50 3.85 -4.80
N VAL F 93 15.11 5.04 -4.81
CA VAL F 93 16.55 5.19 -4.70
C VAL F 93 16.87 5.63 -3.29
N TYR F 94 17.92 5.06 -2.71
CA TYR F 94 18.27 5.34 -1.32
C TYR F 94 19.70 5.88 -1.26
N PHE F 95 19.84 7.06 -0.67
CA PHE F 95 21.13 7.69 -0.50
C PHE F 95 21.65 7.51 0.92
N CYS F 96 22.96 7.51 1.07
CA CYS F 96 23.60 7.75 2.34
C CYS F 96 24.32 9.09 2.27
N ALA F 97 24.31 9.82 3.39
CA ALA F 97 24.93 11.13 3.43
C ALA F 97 25.61 11.35 4.77
N ARG F 98 26.61 12.21 4.79
CA ARG F 98 27.39 12.52 5.97
C ARG F 98 26.98 13.88 6.54
N SER F 99 27.23 14.06 7.84
CA SER F 99 26.83 15.28 8.52
C SER F 99 27.75 15.55 9.70
N GLY F 100 27.67 16.79 10.20
CA GLY F 100 28.26 17.16 11.46
C GLY F 100 27.21 17.34 12.54
N GLY F 101 27.58 18.09 13.58
CA GLY F 101 26.65 18.37 14.65
C GLY F 101 25.52 19.33 14.30
N TYR F 102 25.52 19.88 13.08
CA TYR F 102 24.46 20.76 12.61
C TYR F 102 23.50 20.07 11.65
N TRP F 103 23.73 18.80 11.34
CA TRP F 103 22.79 17.95 10.61
C TRP F 103 22.48 18.48 9.20
N TYR F 104 23.50 19.01 8.51
CA TYR F 104 23.39 19.26 7.08
C TYR F 104 24.37 18.37 6.34
N PHE F 105 24.02 18.02 5.10
CA PHE F 105 24.58 16.86 4.42
C PHE F 105 25.68 17.28 3.46
N ASP F 106 26.93 17.16 3.94
CA ASP F 106 28.11 17.54 3.15
CA ASP F 106 28.07 17.59 3.13
C ASP F 106 28.24 16.72 1.89
N VAL F 107 28.36 15.40 2.05
CA VAL F 107 28.66 14.49 0.96
C VAL F 107 27.55 13.44 0.85
N TRP F 108 27.14 13.15 -0.39
CA TRP F 108 26.10 12.18 -0.68
C TRP F 108 26.67 11.01 -1.48
N GLY F 109 26.10 9.83 -1.25
CA GLY F 109 26.37 8.68 -2.09
C GLY F 109 25.70 8.83 -3.45
N ALA F 110 25.96 7.86 -4.32
CA ALA F 110 25.44 7.96 -5.68
C ALA F 110 23.99 7.53 -5.76
N GLY F 111 23.58 6.61 -4.90
CA GLY F 111 22.22 6.09 -4.92
C GLY F 111 22.16 4.62 -5.24
N THR F 112 21.54 3.83 -4.37
CA THR F 112 21.24 2.44 -4.64
C THR F 112 19.77 2.33 -5.02
N THR F 113 19.51 1.86 -6.25
CA THR F 113 18.15 1.62 -6.68
C THR F 113 17.66 0.29 -6.13
N VAL F 114 16.49 0.29 -5.49
CA VAL F 114 15.88 -0.92 -4.93
C VAL F 114 14.56 -1.14 -5.66
N THR F 115 14.45 -2.28 -6.33
CA THR F 115 13.23 -2.65 -7.05
C THR F 115 12.56 -3.80 -6.31
N VAL F 116 11.35 -3.55 -5.84
CA VAL F 116 10.56 -4.55 -5.12
C VAL F 116 9.52 -5.09 -6.09
N SER F 117 9.77 -6.29 -6.61
CA SER F 117 8.85 -6.88 -7.56
C SER F 117 9.04 -8.39 -7.56
N SER F 118 7.97 -9.10 -7.89
CA SER F 118 8.02 -10.55 -8.05
C SER F 118 8.30 -10.96 -9.49
N ALA F 119 8.48 -10.00 -10.40
CA ALA F 119 8.87 -10.34 -11.76
C ALA F 119 10.30 -10.85 -11.80
N LYS F 120 10.61 -11.58 -12.87
CA LYS F 120 11.91 -12.22 -13.02
C LYS F 120 12.86 -11.36 -13.84
N THR F 121 14.14 -11.44 -13.51
CA THR F 121 15.18 -10.74 -14.25
C THR F 121 15.29 -11.29 -15.66
N THR F 122 15.27 -10.40 -16.66
CA THR F 122 15.45 -10.79 -18.05
C THR F 122 16.54 -9.94 -18.68
N ALA F 123 17.39 -10.57 -19.49
CA ALA F 123 18.54 -9.89 -20.08
C ALA F 123 18.10 -9.05 -21.28
N PRO F 124 18.76 -7.92 -21.53
CA PRO F 124 18.36 -7.06 -22.64
C PRO F 124 18.85 -7.56 -23.98
N SER F 125 18.13 -7.15 -25.02
CA SER F 125 18.56 -7.36 -26.41
C SER F 125 19.06 -6.03 -26.95
N VAL F 126 20.33 -5.99 -27.35
CA VAL F 126 20.99 -4.77 -27.81
C VAL F 126 21.09 -4.82 -29.32
N TYR F 127 20.43 -3.87 -30.00
CA TYR F 127 20.47 -3.81 -31.45
C TYR F 127 21.12 -2.51 -31.88
N PRO F 128 22.10 -2.56 -32.80
CA PRO F 128 22.67 -1.33 -33.34
C PRO F 128 21.76 -0.71 -34.39
N LEU F 129 21.92 0.59 -34.58
CA LEU F 129 21.08 1.37 -35.47
C LEU F 129 21.93 2.10 -36.48
N ALA F 130 21.62 1.94 -37.77
CA ALA F 130 22.39 2.51 -38.85
C ALA F 130 21.56 3.53 -39.65
N PRO F 131 22.17 4.64 -40.06
CA PRO F 131 21.39 5.67 -40.75
C PRO F 131 21.02 5.27 -42.16
N VAL F 132 19.83 5.70 -42.59
CA VAL F 132 19.35 5.40 -43.93
C VAL F 132 18.70 6.64 -44.55
N GLY F 138 24.79 15.81 -45.04
CA GLY F 138 26.14 16.19 -44.65
C GLY F 138 26.21 16.93 -43.32
N SER F 139 27.38 17.50 -43.03
CA SER F 139 27.66 18.27 -41.82
C SER F 139 27.71 17.39 -40.58
N SER F 140 26.73 16.52 -40.37
CA SER F 140 26.70 15.67 -39.20
C SER F 140 25.89 14.41 -39.47
N VAL F 141 26.34 13.30 -38.89
CA VAL F 141 25.64 12.02 -38.96
C VAL F 141 25.22 11.65 -37.55
N THR F 142 24.14 10.88 -37.44
CA THR F 142 23.55 10.51 -36.16
C THR F 142 23.35 9.00 -36.12
N LEU F 143 23.88 8.35 -35.09
CA LEU F 143 23.74 6.91 -34.90
C LEU F 143 23.04 6.65 -33.57
N GLY F 144 22.74 5.37 -33.31
CA GLY F 144 22.00 5.03 -32.10
C GLY F 144 22.14 3.58 -31.71
N CYS F 145 21.61 3.28 -30.52
CA CYS F 145 21.68 1.96 -29.90
C CYS F 145 20.41 1.72 -29.12
N LEU F 146 19.79 0.56 -29.33
CA LEU F 146 18.50 0.23 -28.75
C LEU F 146 18.66 -0.94 -27.79
N VAL F 147 18.27 -0.71 -26.53
CA VAL F 147 18.36 -1.72 -25.47
C VAL F 147 16.94 -1.96 -25.00
N LYS F 148 16.30 -2.99 -25.56
CA LYS F 148 14.87 -3.23 -25.34
C LYS F 148 14.65 -4.64 -24.79
N GLY F 149 13.73 -4.75 -23.83
CA GLY F 149 13.32 -6.03 -23.29
C GLY F 149 14.12 -6.49 -22.08
N TYR F 150 14.33 -5.61 -21.10
CA TYR F 150 15.14 -5.96 -19.94
C TYR F 150 14.40 -5.62 -18.66
N PHE F 151 14.86 -6.23 -17.57
CA PHE F 151 14.33 -6.00 -16.23
C PHE F 151 15.30 -6.62 -15.22
N PRO F 152 15.57 -5.96 -14.09
CA PRO F 152 15.05 -4.63 -13.74
C PRO F 152 16.06 -3.52 -14.01
N GLU F 153 15.71 -2.30 -13.65
CA GLU F 153 16.65 -1.19 -13.70
C GLU F 153 17.78 -1.44 -12.69
N PRO F 154 18.97 -0.90 -12.96
CA PRO F 154 19.31 -0.10 -14.14
C PRO F 154 20.19 -0.83 -15.14
N VAL F 155 20.32 -0.23 -16.31
CA VAL F 155 21.32 -0.65 -17.29
C VAL F 155 22.33 0.49 -17.40
N THR F 156 23.50 0.17 -17.97
CA THR F 156 24.55 1.17 -18.16
C THR F 156 25.02 1.11 -19.61
N LEU F 157 24.99 2.27 -20.29
CA LEU F 157 25.30 2.34 -21.71
C LEU F 157 26.36 3.41 -21.92
N THR F 158 27.47 3.03 -22.56
CA THR F 158 28.54 3.96 -22.94
C THR F 158 28.87 3.73 -24.41
N TRP F 159 29.86 4.48 -24.91
CA TRP F 159 30.29 4.36 -26.29
C TRP F 159 31.80 4.38 -26.37
N ASN F 160 32.36 3.38 -27.04
CA ASN F 160 33.80 3.19 -27.14
C ASN F 160 34.42 3.17 -25.74
N SER F 161 33.90 2.26 -24.91
CA SER F 161 34.32 2.09 -23.52
C SER F 161 34.14 3.36 -22.69
N GLY F 162 33.27 4.26 -23.12
CA GLY F 162 33.08 5.53 -22.44
C GLY F 162 33.97 6.66 -22.91
N SER F 163 34.92 6.38 -23.81
CA SER F 163 35.82 7.42 -24.28
C SER F 163 35.14 8.43 -25.19
N LEU F 164 33.94 8.12 -25.68
CA LEU F 164 33.15 9.03 -26.51
C LEU F 164 31.91 9.42 -25.71
N SER F 165 31.93 10.63 -25.15
CA SER F 165 30.86 11.09 -24.27
C SER F 165 30.20 12.39 -24.71
N SER F 166 30.79 13.14 -25.64
CA SER F 166 30.13 14.33 -26.16
C SER F 166 29.21 13.96 -27.31
N GLY F 167 28.07 14.65 -27.39
CA GLY F 167 27.04 14.32 -28.35
C GLY F 167 26.13 13.18 -27.94
N VAL F 168 26.27 12.70 -26.71
CA VAL F 168 25.46 11.59 -26.19
C VAL F 168 24.08 12.12 -25.82
N HIS F 169 23.06 11.35 -26.20
CA HIS F 169 21.70 11.53 -25.67
C HIS F 169 21.24 10.14 -25.23
N THR F 170 21.19 9.91 -23.92
CA THR F 170 20.72 8.65 -23.35
C THR F 170 19.37 8.90 -22.70
N PHE F 171 18.33 8.28 -23.25
CA PHE F 171 16.96 8.56 -22.86
C PHE F 171 16.52 7.66 -21.70
N PRO F 172 15.65 8.18 -20.83
CA PRO F 172 15.19 7.38 -19.69
C PRO F 172 14.47 6.12 -20.14
N ALA F 173 14.63 5.07 -19.34
CA ALA F 173 13.94 3.81 -19.60
C ALA F 173 12.43 3.98 -19.46
N VAL F 174 11.70 3.23 -20.27
CA VAL F 174 10.24 3.27 -20.28
C VAL F 174 9.75 1.87 -19.92
N LEU F 175 8.93 1.78 -18.87
CA LEU F 175 8.36 0.51 -18.45
C LEU F 175 7.22 0.10 -19.37
N ASN F 176 7.19 -1.18 -19.73
CA ASN F 176 6.14 -1.71 -20.61
C ASN F 176 6.04 -3.21 -20.40
N SER F 177 4.92 -3.66 -19.87
CA SER F 177 4.62 -5.09 -19.71
C SER F 177 5.75 -5.80 -18.96
N ASP F 178 6.13 -5.23 -17.82
CA ASP F 178 7.12 -5.78 -16.90
C ASP F 178 8.52 -5.87 -17.49
N LEU F 179 8.78 -5.15 -18.59
CA LEU F 179 10.10 -5.13 -19.21
C LEU F 179 10.42 -3.71 -19.66
N TYR F 180 11.65 -3.27 -19.39
CA TYR F 180 12.07 -1.92 -19.71
C TYR F 180 12.61 -1.82 -21.13
N THR F 181 12.83 -0.58 -21.58
CA THR F 181 13.34 -0.31 -22.91
C THR F 181 14.12 1.00 -22.89
N LEU F 182 15.33 1.00 -23.43
CA LEU F 182 16.17 2.19 -23.41
C LEU F 182 16.77 2.42 -24.79
N SER F 183 16.96 3.69 -25.13
CA SER F 183 17.58 4.08 -26.39
C SER F 183 18.55 5.23 -26.16
N SER F 184 19.62 5.25 -26.95
CA SER F 184 20.61 6.31 -26.88
C SER F 184 21.13 6.58 -28.28
N LEU F 185 21.51 7.84 -28.53
CA LEU F 185 21.92 8.29 -29.86
C LEU F 185 23.21 9.10 -29.79
N MET F 186 24.07 8.89 -30.78
CA MET F 186 25.32 9.61 -30.92
C MET F 186 25.29 10.49 -32.17
N THR F 187 25.97 11.63 -32.08
CA THR F 187 26.01 12.60 -33.17
C THR F 187 27.44 13.09 -33.33
N VAL F 188 28.09 12.67 -34.42
CA VAL F 188 29.48 13.01 -34.68
C VAL F 188 29.59 13.58 -36.09
N THR F 189 30.76 14.13 -36.39
CA THR F 189 31.00 14.71 -37.70
C THR F 189 31.11 13.63 -38.77
N SER F 190 30.62 13.94 -39.98
CA SER F 190 30.67 12.98 -41.08
C SER F 190 32.10 12.54 -41.40
N SER F 191 33.10 13.30 -40.96
CA SER F 191 34.50 12.98 -41.22
C SER F 191 34.97 11.72 -40.52
N THR F 192 34.20 11.20 -39.55
CA THR F 192 34.71 10.16 -38.67
C THR F 192 33.78 8.95 -38.54
N TRP F 193 32.82 8.79 -39.44
CA TRP F 193 32.06 7.54 -39.52
C TRP F 193 31.53 7.41 -40.93
N PRO F 194 31.62 6.21 -41.55
CA PRO F 194 32.18 4.97 -40.99
C PRO F 194 33.72 4.89 -41.00
N SER F 195 34.37 6.05 -40.98
CA SER F 195 35.83 6.09 -40.95
C SER F 195 36.37 5.35 -39.72
N GLN F 196 36.02 5.85 -38.53
CA GLN F 196 36.42 5.23 -37.28
C GLN F 196 35.34 4.30 -36.75
N SER F 197 35.76 3.37 -35.90
CA SER F 197 34.90 2.35 -35.34
C SER F 197 34.14 2.88 -34.13
N ILE F 198 32.82 2.69 -34.14
CA ILE F 198 31.92 3.16 -33.09
C ILE F 198 31.16 1.97 -32.55
N THR F 199 31.27 1.74 -31.24
CA THR F 199 30.70 0.54 -30.61
C THR F 199 29.88 0.93 -29.39
N CYS F 200 28.64 0.48 -29.35
CA CYS F 200 27.76 0.67 -28.20
C CYS F 200 27.95 -0.49 -27.23
N ASN F 201 28.52 -0.22 -26.06
CA ASN F 201 28.72 -1.23 -25.04
C ASN F 201 27.67 -1.06 -23.93
N VAL F 202 27.00 -2.15 -23.61
CA VAL F 202 25.89 -2.16 -22.66
C VAL F 202 26.18 -3.20 -21.58
N ALA F 203 25.91 -2.85 -20.33
CA ALA F 203 26.09 -3.76 -19.20
C ALA F 203 24.81 -3.78 -18.38
N HIS F 204 24.20 -4.96 -18.26
CA HIS F 204 23.03 -5.16 -17.41
C HIS F 204 23.42 -6.10 -16.28
N PRO F 205 23.74 -5.58 -15.08
CA PRO F 205 24.33 -6.46 -14.05
C PRO F 205 23.37 -7.51 -13.52
N ALA F 206 22.07 -7.20 -13.47
CA ALA F 206 21.11 -8.12 -12.84
C ALA F 206 21.10 -9.48 -13.56
N SER F 207 21.35 -9.50 -14.86
CA SER F 207 21.51 -10.73 -15.62
C SER F 207 22.96 -11.04 -15.93
N SER F 208 23.89 -10.21 -15.46
CA SER F 208 25.33 -10.40 -15.69
C SER F 208 25.63 -10.51 -17.18
N THR F 209 25.17 -9.51 -17.93
CA THR F 209 25.30 -9.48 -19.39
C THR F 209 26.02 -8.22 -19.82
N LYS F 210 27.09 -8.40 -20.60
CA LYS F 210 27.80 -7.31 -21.25
C LYS F 210 27.84 -7.56 -22.75
N VAL F 211 27.55 -6.51 -23.53
CA VAL F 211 27.45 -6.60 -24.99
C VAL F 211 28.05 -5.35 -25.59
N ASP F 212 28.79 -5.52 -26.69
CA ASP F 212 29.35 -4.42 -27.47
C ASP F 212 28.92 -4.60 -28.92
N LYS F 213 28.33 -3.56 -29.50
CA LYS F 213 27.75 -3.64 -30.84
C LYS F 213 28.40 -2.58 -31.73
N LYS F 214 29.21 -3.02 -32.70
CA LYS F 214 29.71 -2.10 -33.70
C LYS F 214 28.62 -1.80 -34.72
N ILE F 215 28.47 -0.53 -35.06
CA ILE F 215 27.49 -0.08 -36.04
C ILE F 215 28.18 0.01 -37.39
N GLU F 216 27.54 -0.55 -38.41
CA GLU F 216 28.00 -0.49 -39.79
C GLU F 216 26.84 -0.13 -40.71
N PRO F 217 27.11 0.59 -41.80
CA PRO F 217 26.07 1.10 -42.71
C PRO F 217 25.08 0.04 -43.18
#